data_8B0A
#
_entry.id   8B0A
#
_cell.length_a   1.00
_cell.length_b   1.00
_cell.length_c   1.00
_cell.angle_alpha   90.00
_cell.angle_beta   90.00
_cell.angle_gamma   90.00
#
_symmetry.space_group_name_H-M   'P 1'
#
loop_
_entity.id
_entity.type
_entity.pdbx_description
1 polymer 'Chromodomain-helicase-DNA-binding protein 1-like'
2 polymer 'Histone H3'
3 polymer 'Histone H4'
4 polymer 'Histone H2A type 1'
5 polymer 'Histone H2B 1.1'
6 polymer 'DNA (149-MER) Widom 601 sequence'
7 polymer 'DNA (149-MER) Widom 601 sequence'
#
loop_
_entity_poly.entity_id
_entity_poly.type
_entity_poly.pdbx_seq_one_letter_code
_entity_poly.pdbx_strand_id
1 'polypeptide(L)'
;MFLLRLHTEGRAEAARVQEQDLRQWGLTGIHLRSYQLEGVNWLAQRFHCQNGCILGDEMGLGKTCQTIALFIYLAGRLND
EGPFLILCPLSVLSNWKEEMQRFAPGLSCVTYAGDKEERACLQQDLKQESRFHVLLTTYEICLKDASFLKSFPWSVLVVD
EAHRLKNQSSLLHKTLSEFSVVFSLLLTGTPIQNSLQELYSLLSFVEPDLFSKEEVGDFIQRYQDIEKESESASELHKLL
QPFLLRRVKAEVATELPKKTEVVIYHGMSALQKKYYKAILMKDLDAFENETAKKVKLQNILSQLRKCVDHPYLFDGVEPE
PFEVGDHLTEASGKLHLLDKLLAFLYSGGHRVLLFSQMTQMLDILQDYMDYRGYSYERVDGSVRGEERHLAIKNFGQQPI
FVFLLSTRAGGVGMNLTAADTVIFVDSDFNPQNDLQAAARAHRIGQNKSVKVIRLIGRDTVEEIVYRKAASKLQLTNMII
EGGHFTLGAQKPAADADLQLSEILKFGLDKLLASEGSTMDEIDLESILGETKDGQWVSDALPAAEGGSRDQEEGKNHMYL
FEGKDYSKEPSKEDRKSFEQLVNLQKTLLEKASQEGRSLRNKGSVLIPGLVEGSTKRKRVLSPEELEDRQKKRQEAAAKR
RRLIEEKKRQKEEAEHKKKMAWWESNNYQSFCLPSEESEPEDLENGEESSAELDYQDPDATSLKYVSGDVTHPQAGAEDA
LIVHCVDDSGHWGRGGLFTALEKRSAEPRKIYELAGKMKDLSLGGVLLFPVDDKESRNKGQDLLALIVAQHRDRSNVLSG
IKMAALEEGLKKIFLAAKKKKASVHLPRIGHATKGFNWYGTERLIRKHLAARGIPTYIYYFPRSKAHHHHHH
;
K
2 'polypeptide(L)'
;MARTKQTARKSTGGKAPRKQLATKAARKSAPATGGVKKPHRYRPGTVALREIRRYQKSTELLIRKLPFQRLVREIAQDFK
TDLRFQSSAVMALQEASEAYLVALFEDTNLAAIHAKRVTIMPKDIQLARRIRGERA
;
A,E
3 'polypeptide(L)'
;MSGRGKGGKGLGKGGAKRHRKVLRDNIQGITKPAIRRLARRGGVKRISGLIYEETRGVLKVFLENVIRDAVTYTEHAKRK
TVTAMDVVYALKRQGRTLYGFGG
;
B,F
4 'polypeptide(L)'
;MSGRGKQGGKTRAKAKTRSSRAGLQFPVGRVHRLLRKGNYAERVGAGAPVYLAAVLEYLTAEILELAGNAARDNKKTRII
PRHLQLAVRNDEELNKLLGRVTIAQGGVLPNIQSVLLPKKTESSKSAKSK
;
C,G
5 'polypeptide(L)'
;MAKSAPAPKKGSKKAVTKTQKKDGKKRRKTRKESYAIYVYKVLKQVHPDTGISSKAMSIMNSFVNDVFERIAGEASRLAH
YNKRSTITSREIQTAVRLLLPGELAKHAVSEGTKAVTKYTSAK
;
D,H
6 'polydeoxyribonucleotide'
;(DT)(DC)(DT)(DA)(DG)(DG)(DT)(DG)(DA)(DC)(DC)(DA)(DT)(DC)(DA)(DG)(DA)(DA)(DT)(DC)
(DC)(DC)(DG)(DG)(DT)(DG)(DC)(DC)(DG)(DA)(DG)(DG)(DC)(DC)(DG)(DC)(DT)(DC)(DA)(DA)
(DT)(DT)(DG)(DG)(DT)(DC)(DG)(DT)(DA)(DG)(DA)(DC)(DA)(DG)(DC)(DT)(DC)(DT)(DA)(DG)
(DC)(DA)(DC)(DC)(DG)(DC)(DT)(DT)(DA)(DA)(DA)(DC)(DG)(DC)(DA)(DC)(DG)(DT)(DA)(DC)
(DG)(DC)(DG)(DC)(DT)(DG)(DT)(DC)(DC)(DC)(DC)(DC)(DG)(DC)(DG)(DT)(DT)(DT)(DT)(DA)
(DA)(DC)(DC)(DG)(DC)(DC)(DA)(DA)(DG)(DG)(DG)(DG)(DA)(DT)(DT)(DA)(DC)(DT)(DC)(DC)
(DC)(DT)(DA)(DG)(DT)(DC)(DT)(DC)(DC)(DA)(DG)(DG)(DC)(DA)(DC)(DG)(DT)(DG)(DT)(DC)
(DA)(DG)(DA)(DT)(DA)(DT)(DA)(DT)(DA)(DC)(DA)(DT)(DC)(DG)(DA)(DT)(DA)(DG)(DG)(DC)
;
I
7 'polydeoxyribonucleotide'
;(DG)(DC)(DC)(DT)(DA)(DT)(DC)(DG)(DA)(DT)(DG)(DT)(DA)(DT)(DA)(DT)(DA)(DT)(DC)(DT)
(DG)(DA)(DC)(DA)(DC)(DG)(DT)(DG)(DC)(DC)(DT)(DG)(DG)(DA)(DG)(DA)(DC)(DT)(DA)(DG)
(DG)(DG)(DA)(DG)(DT)(DA)(DA)(DT)(DC)(DC)(DC)(DC)(DT)(DT)(DG)(DG)(DC)(DG)(DG)(DT)
(DT)(DA)(DA)(DA)(DA)(DC)(DG)(DC)(DG)(DG)(DG)(DG)(DG)(DA)(DC)(DA)(DG)(DC)(DG)(DC)
(DG)(DT)(DA)(DC)(DG)(DT)(DG)(DC)(DG)(DT)(DT)(DT)(DA)(DA)(DG)(DC)(DG)(DG)(DT)(DG)
(DC)(DT)(DA)(DG)(DA)(DG)(DC)(DT)(DG)(DT)(DC)(DT)(DA)(DC)(DG)(DA)(DC)(DC)(DA)(DA)
(DT)(DT)(DG)(DA)(DG)(DC)(DG)(DG)(DC)(DC)(DT)(DC)(DG)(DG)(DC)(DA)(DC)(DC)(DG)(DG)
(DG)(DA)(DT)(DT)(DC)(DT)(DG)(DA)(DT)(DG)(DG)(DT)(DC)(DA)(DC)(DC)(DT)(DA)(DG)(DA)
;
J
#
loop_
_chem_comp.id
_chem_comp.type
_chem_comp.name
_chem_comp.formula
DA DNA linking 2'-DEOXYADENOSINE-5'-MONOPHOSPHATE 'C10 H14 N5 O6 P'
DC DNA linking 2'-DEOXYCYTIDINE-5'-MONOPHOSPHATE 'C9 H14 N3 O7 P'
DG DNA linking 2'-DEOXYGUANOSINE-5'-MONOPHOSPHATE 'C10 H14 N5 O7 P'
DT DNA linking THYMIDINE-5'-MONOPHOSPHATE 'C10 H15 N2 O8 P'
#
# COMPACT_ATOMS: atom_id res chain seq x y z
N THR A 28 49.28 -39.31 -8.67
CA THR A 28 49.70 -38.87 -10.00
C THR A 28 48.50 -38.62 -10.91
N GLY A 29 48.71 -37.82 -11.97
CA GLY A 29 47.63 -37.55 -12.90
C GLY A 29 47.92 -36.55 -14.01
N ILE A 30 48.50 -35.39 -13.68
CA ILE A 30 48.82 -34.36 -14.67
C ILE A 30 49.99 -33.52 -14.15
N HIS A 31 50.71 -32.88 -15.08
CA HIS A 31 51.75 -31.90 -14.75
C HIS A 31 51.64 -30.68 -15.64
N LEU A 32 51.84 -29.49 -15.06
CA LEU A 32 51.83 -28.25 -15.83
C LEU A 32 52.97 -27.29 -15.45
N ARG A 33 52.93 -26.74 -14.23
CA ARG A 33 53.84 -25.66 -13.85
C ARG A 33 54.47 -25.92 -12.48
N SER A 34 55.76 -25.59 -12.37
CA SER A 34 56.57 -26.00 -11.22
C SER A 34 56.07 -25.42 -9.89
N TYR A 35 55.57 -24.18 -9.89
CA TYR A 35 55.08 -23.58 -8.66
C TYR A 35 53.85 -24.26 -8.08
N GLN A 36 53.19 -25.11 -8.86
CA GLN A 36 52.00 -25.80 -8.35
C GLN A 36 52.35 -26.76 -7.22
N LEU A 37 53.56 -27.34 -7.24
CA LEU A 37 54.00 -28.23 -6.16
C LEU A 37 54.08 -27.53 -4.81
N GLU A 38 54.80 -26.41 -4.75
CA GLU A 38 54.91 -25.67 -3.49
C GLU A 38 53.55 -25.18 -3.01
N GLY A 39 52.60 -24.96 -3.92
CA GLY A 39 51.25 -24.65 -3.52
C GLY A 39 50.58 -25.79 -2.78
N VAL A 40 50.64 -26.99 -3.36
CA VAL A 40 50.09 -28.17 -2.69
C VAL A 40 50.78 -28.41 -1.36
N ASN A 41 52.10 -28.21 -1.30
CA ASN A 41 52.81 -28.35 -0.04
C ASN A 41 52.33 -27.34 1.01
N TRP A 42 52.15 -26.09 0.62
CA TRP A 42 51.63 -25.09 1.54
C TRP A 42 50.23 -25.44 2.01
N LEU A 43 49.35 -25.83 1.08
CA LEU A 43 48.00 -26.25 1.44
C LEU A 43 48.02 -27.42 2.41
N ALA A 44 48.77 -28.47 2.08
CA ALA A 44 48.92 -29.61 2.99
C ALA A 44 49.46 -29.17 4.35
N GLN A 45 50.40 -28.24 4.36
CA GLN A 45 50.92 -27.72 5.62
C GLN A 45 49.86 -26.99 6.44
N ARG A 46 49.02 -26.16 5.79
CA ARG A 46 47.93 -25.51 6.51
C ARG A 46 46.96 -26.50 7.12
N PHE A 47 46.58 -27.52 6.36
CA PHE A 47 45.72 -28.58 6.90
C PHE A 47 46.46 -29.45 7.90
N HIS A 48 47.78 -29.58 7.77
CA HIS A 48 48.56 -30.21 8.82
C HIS A 48 48.59 -29.36 10.08
N CYS A 49 48.57 -28.03 9.93
CA CYS A 49 48.31 -27.15 11.06
C CYS A 49 46.85 -27.18 11.51
N GLN A 50 46.00 -27.93 10.78
CA GLN A 50 44.59 -28.12 11.10
C GLN A 50 43.80 -26.81 11.15
N ASN A 51 43.94 -26.01 10.09
CA ASN A 51 43.10 -24.84 9.89
C ASN A 51 42.72 -24.72 8.42
N GLY A 52 41.60 -24.05 8.16
CA GLY A 52 41.29 -23.57 6.82
C GLY A 52 42.25 -22.49 6.33
N CYS A 53 42.19 -22.23 5.02
CA CYS A 53 43.09 -21.24 4.43
C CYS A 53 42.48 -20.66 3.15
N ILE A 54 43.07 -19.57 2.68
CA ILE A 54 42.67 -18.87 1.45
C ILE A 54 43.80 -18.95 0.43
N LEU A 55 43.47 -19.29 -0.80
CA LEU A 55 44.40 -19.24 -1.92
C LEU A 55 44.01 -18.14 -2.90
N GLY A 56 44.90 -17.15 -3.05
CA GLY A 56 44.62 -15.94 -3.81
C GLY A 56 45.60 -15.65 -4.94
N ASP A 57 46.29 -16.68 -5.43
CA ASP A 57 47.06 -16.57 -6.66
C ASP A 57 46.24 -15.96 -7.79
N GLU A 58 46.94 -15.22 -8.66
CA GLU A 58 46.36 -14.43 -9.75
C GLU A 58 45.32 -15.18 -10.57
N MET A 59 44.47 -14.40 -11.25
CA MET A 59 43.41 -14.92 -12.09
C MET A 59 43.92 -15.93 -13.11
N GLY A 60 43.29 -17.10 -13.14
CA GLY A 60 43.89 -18.29 -13.76
C GLY A 60 44.95 -18.94 -12.90
N LEU A 61 46.14 -19.13 -13.47
CA LEU A 61 47.29 -19.80 -12.88
C LEU A 61 47.03 -21.25 -12.47
N GLY A 62 45.88 -21.83 -12.81
CA GLY A 62 45.67 -23.24 -12.56
C GLY A 62 45.41 -23.63 -11.12
N LYS A 63 44.54 -22.89 -10.44
CA LYS A 63 44.13 -23.25 -9.09
C LYS A 63 43.28 -24.52 -9.07
N THR A 64 42.54 -24.80 -10.15
CA THR A 64 41.88 -26.10 -10.28
C THR A 64 42.87 -27.26 -10.25
N CYS A 65 43.96 -27.12 -11.00
CA CYS A 65 44.99 -28.17 -11.05
C CYS A 65 45.53 -28.47 -9.66
N GLN A 66 45.92 -27.44 -8.91
CA GLN A 66 46.40 -27.63 -7.55
C GLN A 66 45.34 -28.22 -6.62
N THR A 67 44.07 -27.90 -6.85
CA THR A 67 43.00 -28.49 -6.03
C THR A 67 42.86 -29.99 -6.29
N ILE A 68 42.90 -30.41 -7.56
CA ILE A 68 42.86 -31.83 -7.87
C ILE A 68 44.06 -32.55 -7.26
N ALA A 69 45.24 -31.95 -7.35
CA ALA A 69 46.44 -32.51 -6.74
C ALA A 69 46.28 -32.68 -5.23
N LEU A 70 45.67 -31.70 -4.56
CA LEU A 70 45.36 -31.85 -3.15
C LEU A 70 44.43 -33.03 -2.88
N PHE A 71 43.40 -33.21 -3.70
CA PHE A 71 42.46 -34.30 -3.48
C PHE A 71 43.12 -35.66 -3.60
N ILE A 72 43.92 -35.87 -4.64
CA ILE A 72 44.64 -37.14 -4.77
C ILE A 72 45.71 -37.31 -3.69
N TYR A 73 46.30 -36.22 -3.20
CA TYR A 73 47.19 -36.33 -2.05
C TYR A 73 46.46 -36.83 -0.81
N LEU A 74 45.31 -36.25 -0.50
CA LEU A 74 44.49 -36.73 0.61
C LEU A 74 44.06 -38.18 0.39
N ALA A 75 43.39 -38.44 -0.74
CA ALA A 75 42.83 -39.76 -0.99
C ALA A 75 43.88 -40.83 -1.24
N GLY A 76 45.07 -40.45 -1.68
CA GLY A 76 46.00 -41.42 -2.25
C GLY A 76 47.42 -41.34 -1.74
N ARG A 77 47.67 -40.46 -0.76
CA ARG A 77 48.92 -40.50 -0.02
C ARG A 77 48.62 -40.47 1.49
N LEU A 78 47.75 -39.55 1.91
CA LEU A 78 47.24 -39.58 3.28
C LEU A 78 46.17 -40.63 3.47
N ASN A 79 45.53 -41.05 2.38
CA ASN A 79 44.47 -42.07 2.38
C ASN A 79 43.29 -41.69 3.28
N ASP A 80 42.84 -40.45 3.18
CA ASP A 80 41.56 -40.00 3.72
C ASP A 80 40.60 -39.77 2.56
N GLU A 81 39.45 -40.45 2.59
CA GLU A 81 38.50 -40.42 1.48
C GLU A 81 37.12 -39.90 1.88
N GLY A 82 37.02 -39.22 3.01
CA GLY A 82 35.79 -38.55 3.40
C GLY A 82 35.28 -37.58 2.36
N PRO A 83 33.95 -37.45 2.26
CA PRO A 83 33.35 -36.79 1.09
C PRO A 83 33.76 -35.32 0.95
N PHE A 84 34.00 -34.92 -0.30
CA PHE A 84 34.42 -33.58 -0.67
C PHE A 84 33.25 -32.82 -1.30
N LEU A 85 33.07 -31.56 -0.92
CA LEU A 85 32.06 -30.69 -1.50
C LEU A 85 32.70 -29.53 -2.27
N ILE A 86 32.31 -29.36 -3.53
CA ILE A 86 32.77 -28.26 -4.39
C ILE A 86 31.60 -27.37 -4.80
N LEU A 87 31.74 -26.07 -4.56
CA LEU A 87 30.79 -25.05 -5.01
C LEU A 87 31.43 -24.14 -6.05
N CYS A 88 30.75 -23.94 -7.18
CA CYS A 88 31.26 -23.05 -8.22
C CYS A 88 30.10 -22.46 -9.01
N PRO A 89 30.36 -21.40 -9.80
CA PRO A 89 29.29 -20.79 -10.60
C PRO A 89 28.81 -21.68 -11.74
N LEU A 90 27.55 -21.46 -12.12
CA LEU A 90 26.90 -22.25 -13.17
C LEU A 90 27.69 -22.30 -14.47
N SER A 91 28.31 -21.19 -14.87
CA SER A 91 29.06 -21.14 -16.12
C SER A 91 30.29 -22.03 -16.17
N VAL A 92 30.71 -22.64 -15.06
CA VAL A 92 31.98 -23.36 -15.03
C VAL A 92 31.84 -24.83 -14.68
N LEU A 93 30.66 -25.30 -14.28
CA LEU A 93 30.48 -26.68 -13.82
C LEU A 93 31.02 -27.71 -14.81
N SER A 94 30.68 -27.57 -16.08
CA SER A 94 31.13 -28.54 -17.07
C SER A 94 32.64 -28.54 -17.24
N ASN A 95 33.28 -27.40 -17.09
CA ASN A 95 34.74 -27.37 -17.11
C ASN A 95 35.33 -28.09 -15.91
N TRP A 96 34.73 -27.94 -14.73
CA TRP A 96 35.22 -28.66 -13.56
C TRP A 96 35.06 -30.16 -13.72
N LYS A 97 33.92 -30.63 -14.24
CA LYS A 97 33.78 -32.04 -14.59
C LYS A 97 34.92 -32.51 -15.48
N GLU A 98 35.13 -31.81 -16.60
CA GLU A 98 36.10 -32.25 -17.60
C GLU A 98 37.51 -32.33 -17.04
N GLU A 99 37.97 -31.28 -16.35
CA GLU A 99 39.32 -31.30 -15.80
C GLU A 99 39.52 -32.42 -14.77
N MET A 100 38.51 -32.70 -13.94
CA MET A 100 38.63 -33.84 -13.05
C MET A 100 38.61 -35.16 -13.81
N GLN A 101 37.69 -35.31 -14.76
CA GLN A 101 37.59 -36.54 -15.54
C GLN A 101 38.81 -36.77 -16.41
N ARG A 102 39.48 -35.69 -16.84
CA ARG A 102 40.79 -35.83 -17.47
C ARG A 102 41.84 -36.29 -16.47
N PHE A 103 42.05 -35.52 -15.41
CA PHE A 103 43.30 -35.57 -14.67
C PHE A 103 43.26 -36.42 -13.40
N ALA A 104 42.10 -36.81 -12.91
CA ALA A 104 42.01 -37.72 -11.76
C ALA A 104 40.84 -38.70 -11.93
N PRO A 105 40.94 -39.62 -12.88
CA PRO A 105 39.87 -40.62 -13.05
C PRO A 105 39.64 -41.52 -11.84
N GLY A 106 40.62 -41.64 -10.95
CA GLY A 106 40.51 -42.48 -9.77
C GLY A 106 39.58 -41.97 -8.68
N LEU A 107 39.05 -40.75 -8.82
CA LEU A 107 38.12 -40.20 -7.83
C LEU A 107 36.68 -40.24 -8.37
N SER A 108 35.78 -40.83 -7.58
CA SER A 108 34.37 -40.91 -7.91
C SER A 108 33.68 -39.56 -7.70
N CYS A 109 33.42 -38.85 -8.81
CA CYS A 109 32.86 -37.50 -8.79
C CYS A 109 31.48 -37.50 -9.45
N VAL A 110 30.51 -36.85 -8.79
CA VAL A 110 29.13 -36.80 -9.27
C VAL A 110 28.58 -35.39 -9.09
N THR A 111 27.58 -35.05 -9.91
CA THR A 111 27.03 -33.70 -9.98
C THR A 111 25.57 -33.67 -9.51
N TYR A 112 25.30 -32.87 -8.49
CA TYR A 112 23.94 -32.69 -7.98
C TYR A 112 23.27 -31.50 -8.65
N ALA A 113 22.55 -31.78 -9.74
CA ALA A 113 21.92 -30.72 -10.52
C ALA A 113 20.65 -31.25 -11.18
N GLY A 114 19.78 -30.34 -11.57
CA GLY A 114 18.53 -30.66 -12.27
C GLY A 114 17.30 -30.09 -11.59
N ASP A 115 16.15 -30.49 -12.13
CA ASP A 115 14.86 -30.16 -11.54
C ASP A 115 14.70 -30.76 -10.15
N LYS A 116 13.75 -30.20 -9.39
CA LYS A 116 13.46 -30.71 -8.06
C LYS A 116 13.20 -32.22 -8.08
N GLU A 117 12.42 -32.68 -9.06
CA GLU A 117 12.15 -34.10 -9.18
C GLU A 117 13.41 -34.90 -9.48
N GLU A 118 14.30 -34.36 -10.31
CA GLU A 118 15.55 -35.03 -10.61
C GLU A 118 16.47 -35.05 -9.39
N ARG A 119 16.64 -33.89 -8.75
CA ARG A 119 17.45 -33.81 -7.54
C ARG A 119 16.90 -34.67 -6.41
N ALA A 120 15.57 -34.84 -6.35
CA ALA A 120 14.99 -35.76 -5.38
C ALA A 120 15.40 -37.21 -5.65
N CYS A 121 15.33 -37.65 -6.90
CA CYS A 121 15.78 -39.00 -7.24
C CYS A 121 17.24 -39.22 -6.86
N LEU A 122 18.09 -38.24 -7.14
CA LEU A 122 19.50 -38.34 -6.79
C LEU A 122 19.77 -38.44 -5.30
N GLN A 123 18.81 -38.06 -4.45
CA GLN A 123 18.97 -38.33 -3.02
C GLN A 123 19.03 -39.82 -2.74
N GLN A 124 18.10 -40.59 -3.31
CA GLN A 124 18.16 -42.04 -3.20
C GLN A 124 19.37 -42.60 -3.95
N ASP A 125 19.60 -42.14 -5.17
CA ASP A 125 20.63 -42.73 -6.02
C ASP A 125 22.03 -42.45 -5.50
N LEU A 126 22.23 -41.36 -4.77
CA LEU A 126 23.56 -40.96 -4.29
C LEU A 126 23.60 -40.87 -2.77
N LYS A 127 22.82 -39.97 -2.17
CA LYS A 127 23.00 -39.62 -0.77
C LYS A 127 22.68 -40.80 0.14
N GLN A 128 21.71 -41.61 -0.24
CA GLN A 128 21.38 -42.83 0.47
C GLN A 128 22.30 -44.00 0.11
N GLU A 129 23.27 -43.80 -0.79
CA GLU A 129 24.03 -44.89 -1.37
C GLU A 129 25.55 -44.72 -1.21
N SER A 130 26.04 -43.49 -1.08
CA SER A 130 27.38 -43.19 -0.54
C SER A 130 28.54 -43.75 -1.38
N ARG A 131 28.47 -43.59 -2.70
CA ARG A 131 29.51 -44.10 -3.60
C ARG A 131 30.40 -43.00 -4.17
N PHE A 132 30.26 -41.76 -3.71
CA PHE A 132 30.99 -40.61 -4.26
C PHE A 132 32.11 -40.15 -3.34
N HIS A 133 33.26 -39.85 -3.93
CA HIS A 133 34.23 -38.98 -3.27
C HIS A 133 33.79 -37.51 -3.28
N VAL A 134 33.32 -37.02 -4.42
CA VAL A 134 33.17 -35.59 -4.66
C VAL A 134 31.77 -35.26 -5.18
N LEU A 135 31.18 -34.18 -4.66
CA LEU A 135 30.04 -33.50 -5.26
C LEU A 135 30.46 -32.23 -5.97
N LEU A 136 30.00 -32.04 -7.20
CA LEU A 136 29.94 -30.75 -7.86
C LEU A 136 28.55 -30.14 -7.69
N THR A 137 28.50 -28.86 -7.33
CA THR A 137 27.26 -28.16 -6.99
C THR A 137 27.42 -26.69 -7.31
N THR A 138 26.31 -25.95 -7.27
CA THR A 138 26.32 -24.51 -7.44
C THR A 138 25.46 -23.83 -6.38
N TYR A 139 25.76 -22.55 -6.14
CA TYR A 139 25.34 -21.87 -4.92
C TYR A 139 23.83 -21.90 -4.72
N GLU A 140 23.07 -21.58 -5.76
CA GLU A 140 21.61 -21.57 -5.63
C GLU A 140 21.06 -22.94 -5.27
N ILE A 141 21.66 -24.00 -5.82
CA ILE A 141 21.21 -25.34 -5.46
C ILE A 141 21.54 -25.65 -4.01
N CYS A 142 22.76 -25.36 -3.58
CA CYS A 142 23.14 -25.65 -2.20
C CYS A 142 22.36 -24.79 -1.20
N LEU A 143 21.89 -23.62 -1.62
CA LEU A 143 21.02 -22.83 -0.74
C LEU A 143 19.61 -23.42 -0.66
N LYS A 144 19.08 -23.92 -1.77
CA LYS A 144 17.74 -24.48 -1.74
C LYS A 144 17.69 -25.87 -1.10
N ASP A 145 18.69 -26.70 -1.32
CA ASP A 145 18.71 -28.08 -0.83
C ASP A 145 19.66 -28.27 0.36
N ALA A 146 19.86 -27.22 1.15
CA ALA A 146 20.89 -27.19 2.18
C ALA A 146 20.77 -28.33 3.19
N SER A 147 19.55 -28.64 3.62
CA SER A 147 19.33 -29.62 4.69
C SER A 147 19.92 -30.99 4.36
N PHE A 148 19.95 -31.38 3.09
CA PHE A 148 20.62 -32.62 2.72
C PHE A 148 22.14 -32.52 2.89
N LEU A 149 22.72 -31.40 2.49
CA LEU A 149 24.16 -31.21 2.60
C LEU A 149 24.62 -31.11 4.05
N LYS A 150 23.79 -30.58 4.94
CA LYS A 150 24.10 -30.59 6.37
C LYS A 150 24.32 -31.99 6.92
N SER A 151 23.70 -33.00 6.31
CA SER A 151 23.75 -34.35 6.87
C SER A 151 25.10 -35.03 6.75
N PHE A 152 26.01 -34.51 5.93
CA PHE A 152 27.27 -35.19 5.72
C PHE A 152 28.41 -34.56 6.52
N PRO A 153 29.24 -35.38 7.17
CA PRO A 153 30.53 -34.88 7.65
C PRO A 153 31.55 -34.80 6.52
N TRP A 154 31.68 -33.62 5.94
CA TRP A 154 32.58 -33.42 4.82
C TRP A 154 34.04 -33.42 5.29
N SER A 155 34.91 -33.95 4.43
CA SER A 155 36.35 -33.79 4.65
C SER A 155 36.77 -32.34 4.50
N VAL A 156 36.65 -31.77 3.30
CA VAL A 156 36.91 -30.35 3.08
C VAL A 156 35.85 -29.76 2.16
N LEU A 157 35.61 -28.46 2.34
CA LEU A 157 34.78 -27.65 1.46
C LEU A 157 35.66 -26.75 0.60
N VAL A 158 35.43 -26.80 -0.72
CA VAL A 158 36.07 -25.89 -1.66
C VAL A 158 35.04 -24.91 -2.21
N VAL A 159 35.32 -23.62 -2.10
CA VAL A 159 34.51 -22.57 -2.71
C VAL A 159 35.33 -21.87 -3.79
N ASP A 160 34.87 -22.00 -5.04
CA ASP A 160 35.45 -21.25 -6.14
C ASP A 160 34.84 -19.85 -6.26
N GLU A 161 35.63 -18.93 -6.82
CA GLU A 161 35.23 -17.53 -7.04
C GLU A 161 34.65 -16.88 -5.79
N ALA A 162 35.37 -17.01 -4.68
CA ALA A 162 34.85 -16.79 -3.33
C ALA A 162 34.36 -15.39 -3.00
N HIS A 163 34.49 -14.44 -3.95
CA HIS A 163 34.04 -13.07 -3.70
C HIS A 163 32.59 -12.99 -3.23
N ARG A 164 31.76 -13.96 -3.63
CA ARG A 164 30.40 -14.06 -3.14
C ARG A 164 30.30 -13.98 -1.62
N LEU A 165 31.30 -14.47 -0.89
CA LEU A 165 31.31 -14.48 0.56
C LEU A 165 31.81 -13.18 1.20
N LYS A 166 32.04 -12.12 0.41
CA LYS A 166 32.51 -10.86 0.98
C LYS A 166 31.52 -10.21 1.94
N ASN A 167 30.24 -10.57 1.90
CA ASN A 167 29.20 -9.84 2.62
C ASN A 167 28.67 -10.70 3.77
N GLN A 168 28.78 -10.19 5.00
CA GLN A 168 28.39 -10.89 6.20
C GLN A 168 26.88 -11.02 6.38
N SER A 169 26.07 -10.31 5.58
CA SER A 169 24.64 -10.56 5.60
C SER A 169 24.23 -11.81 4.82
N SER A 170 25.10 -12.30 3.94
CA SER A 170 24.71 -13.31 2.98
C SER A 170 24.32 -14.62 3.64
N LEU A 171 23.22 -15.21 3.19
CA LEU A 171 22.79 -16.50 3.71
C LEU A 171 23.77 -17.59 3.36
N LEU A 172 24.52 -17.43 2.26
CA LEU A 172 25.51 -18.44 1.90
C LEU A 172 26.61 -18.57 2.94
N HIS A 173 27.14 -17.45 3.42
CA HIS A 173 28.18 -17.53 4.44
C HIS A 173 27.64 -18.13 5.74
N LYS A 174 26.43 -17.75 6.14
CA LYS A 174 25.81 -18.36 7.32
C LYS A 174 25.72 -19.87 7.18
N THR A 175 25.10 -20.35 6.11
CA THR A 175 24.88 -21.77 5.92
C THR A 175 26.20 -22.53 5.76
N LEU A 176 27.10 -22.05 4.92
CA LEU A 176 28.36 -22.77 4.71
C LEU A 176 29.20 -22.81 5.97
N SER A 177 29.23 -21.73 6.75
CA SER A 177 29.97 -21.77 8.01
C SER A 177 29.34 -22.71 9.03
N GLU A 178 28.07 -23.06 8.85
CA GLU A 178 27.39 -23.98 9.75
C GLU A 178 27.64 -25.46 9.44
N PHE A 179 28.07 -25.80 8.22
CA PHE A 179 28.28 -27.21 7.86
C PHE A 179 29.40 -27.85 8.67
N SER A 180 29.24 -29.14 8.92
CA SER A 180 30.30 -29.98 9.49
C SER A 180 31.36 -30.28 8.43
N VAL A 181 32.50 -29.60 8.52
CA VAL A 181 33.65 -29.85 7.64
C VAL A 181 34.90 -29.88 8.50
N VAL A 182 35.88 -30.68 8.07
CA VAL A 182 37.18 -30.65 8.76
C VAL A 182 37.93 -29.35 8.43
N PHE A 183 38.06 -29.01 7.15
CA PHE A 183 38.70 -27.76 6.74
C PHE A 183 37.93 -27.11 5.60
N SER A 184 38.20 -25.82 5.40
CA SER A 184 37.66 -25.05 4.29
C SER A 184 38.77 -24.43 3.44
N LEU A 185 38.57 -24.42 2.12
CA LEU A 185 39.47 -23.75 1.18
C LEU A 185 38.68 -22.77 0.32
N LEU A 186 39.09 -21.50 0.32
CA LEU A 186 38.52 -20.46 -0.53
C LEU A 186 39.47 -20.09 -1.66
N LEU A 187 38.96 -20.08 -2.89
CA LEU A 187 39.72 -19.72 -4.07
C LEU A 187 39.28 -18.36 -4.63
N THR A 188 40.24 -17.49 -4.91
CA THR A 188 39.96 -16.20 -5.54
C THR A 188 41.10 -15.83 -6.48
N GLY A 189 40.78 -15.06 -7.50
CA GLY A 189 41.79 -14.47 -8.36
C GLY A 189 42.31 -13.14 -7.87
N THR A 190 41.59 -12.52 -6.94
CA THR A 190 42.00 -11.26 -6.32
C THR A 190 41.19 -11.01 -5.05
N PRO A 191 41.81 -11.15 -3.89
CA PRO A 191 41.12 -10.82 -2.64
C PRO A 191 40.91 -9.34 -2.43
N ILE A 192 39.81 -9.02 -1.74
CA ILE A 192 39.35 -7.67 -1.44
C ILE A 192 38.99 -6.88 -2.69
N GLN A 193 37.73 -6.48 -2.78
CA GLN A 193 37.20 -5.68 -3.87
C GLN A 193 37.14 -4.20 -3.52
N ASN A 194 37.01 -3.86 -2.24
CA ASN A 194 36.86 -2.47 -1.82
C ASN A 194 37.60 -2.16 -0.52
N SER A 195 37.36 -2.93 0.55
CA SER A 195 37.58 -2.38 1.88
C SER A 195 37.75 -3.49 2.92
N LEU A 196 38.23 -3.06 4.08
CA LEU A 196 38.65 -3.96 5.16
C LEU A 196 37.54 -4.87 5.65
N GLN A 197 36.28 -4.44 5.57
CA GLN A 197 35.19 -5.30 6.00
C GLN A 197 35.05 -6.53 5.12
N GLU A 198 35.34 -6.39 3.82
CA GLU A 198 35.37 -7.56 2.96
C GLU A 198 36.46 -8.52 3.38
N LEU A 199 37.64 -7.99 3.72
CA LEU A 199 38.73 -8.83 4.20
C LEU A 199 38.34 -9.63 5.44
N TYR A 200 37.93 -8.96 6.51
CA TYR A 200 37.62 -9.72 7.73
C TYR A 200 36.42 -10.65 7.53
N SER A 201 35.50 -10.32 6.63
CA SER A 201 34.40 -11.23 6.36
C SER A 201 34.93 -12.53 5.78
N LEU A 202 35.66 -12.44 4.67
CA LEU A 202 36.27 -13.62 4.08
C LEU A 202 37.16 -14.34 5.08
N LEU A 203 37.98 -13.58 5.80
CA LEU A 203 38.95 -14.18 6.72
C LEU A 203 38.27 -14.87 7.90
N SER A 204 37.31 -14.20 8.54
CA SER A 204 36.61 -14.81 9.67
C SER A 204 35.76 -16.01 9.28
N PHE A 205 35.19 -16.02 8.07
CA PHE A 205 34.38 -17.17 7.69
C PHE A 205 35.23 -18.41 7.42
N VAL A 206 36.56 -18.28 7.37
CA VAL A 206 37.44 -19.44 7.32
C VAL A 206 37.80 -19.95 8.72
N GLU A 207 38.15 -19.05 9.65
CA GLU A 207 38.46 -19.44 11.03
C GLU A 207 37.83 -18.46 12.00
N PRO A 208 36.56 -18.64 12.33
CA PRO A 208 35.85 -17.63 13.13
C PRO A 208 36.33 -17.55 14.57
N ASP A 209 36.82 -18.65 15.13
CA ASP A 209 37.34 -18.62 16.49
C ASP A 209 38.55 -17.70 16.60
N LEU A 210 39.37 -17.65 15.56
CA LEU A 210 40.53 -16.77 15.54
C LEU A 210 40.19 -15.32 15.22
N PHE A 211 39.11 -15.07 14.47
CA PHE A 211 38.89 -13.78 13.84
C PHE A 211 37.51 -13.17 14.05
N SER A 212 36.66 -13.75 14.90
CA SER A 212 35.34 -13.17 15.13
C SER A 212 35.42 -11.73 15.64
N LYS A 213 36.40 -11.45 16.50
CA LYS A 213 36.65 -10.07 16.94
C LYS A 213 36.82 -9.11 15.77
N GLU A 214 37.40 -9.59 14.67
CA GLU A 214 37.57 -8.74 13.49
C GLU A 214 36.23 -8.33 12.89
N GLU A 215 35.34 -9.31 12.71
CA GLU A 215 34.01 -9.03 12.19
C GLU A 215 33.10 -8.38 13.22
N VAL A 216 33.39 -8.57 14.51
CA VAL A 216 32.82 -7.70 15.54
C VAL A 216 33.31 -6.26 15.38
N GLY A 217 34.38 -6.04 14.61
CA GLY A 217 34.77 -4.71 14.17
C GLY A 217 36.08 -4.20 14.73
N ASP A 218 36.77 -5.00 15.55
CA ASP A 218 38.00 -4.55 16.20
C ASP A 218 39.15 -4.39 15.22
N PHE A 219 39.15 -5.15 14.12
CA PHE A 219 40.25 -5.10 13.17
C PHE A 219 40.37 -3.75 12.49
N ILE A 220 39.25 -3.07 12.24
CA ILE A 220 39.32 -1.69 11.75
C ILE A 220 40.12 -0.84 12.72
N GLN A 221 39.86 -1.00 14.01
CA GLN A 221 40.54 -0.19 15.02
C GLN A 221 41.99 -0.62 15.15
N ARG A 222 42.23 -1.93 15.18
CA ARG A 222 43.58 -2.47 15.28
C ARG A 222 44.47 -1.99 14.12
N TYR A 223 43.95 -2.04 12.89
CA TYR A 223 44.70 -1.48 11.77
C TYR A 223 44.36 -0.01 11.52
N GLN A 224 43.76 0.65 12.51
CA GLN A 224 43.56 2.10 12.55
C GLN A 224 42.97 2.66 11.26
N ASP A 225 41.94 1.97 10.76
CA ASP A 225 41.22 2.36 9.55
C ASP A 225 42.16 2.57 8.35
N ILE A 226 43.13 1.66 8.21
CA ILE A 226 44.14 1.68 7.15
C ILE A 226 45.11 2.85 7.25
N GLU A 227 44.94 3.71 8.26
CA GLU A 227 45.98 4.70 8.54
C GLU A 227 47.23 4.06 9.12
N LYS A 228 47.39 2.76 8.91
CA LYS A 228 48.62 2.02 9.14
C LYS A 228 49.28 1.56 7.84
N GLU A 229 48.65 1.87 6.70
CA GLU A 229 49.05 1.46 5.35
C GLU A 229 50.55 1.47 5.07
N SER A 230 51.28 2.41 5.65
CA SER A 230 52.73 2.46 5.52
C SER A 230 53.43 2.53 6.87
N GLU A 231 52.70 2.87 7.92
CA GLU A 231 53.23 3.01 9.26
C GLU A 231 53.43 1.67 9.95
N SER A 232 52.59 0.68 9.66
CA SER A 232 52.86 -0.70 10.06
C SER A 232 52.34 -1.66 8.98
N ALA A 233 52.82 -1.49 7.76
CA ALA A 233 52.53 -2.45 6.69
C ALA A 233 52.99 -3.86 7.08
N SER A 234 54.17 -3.97 7.67
CA SER A 234 54.69 -5.26 8.13
C SER A 234 53.73 -5.98 9.07
N GLU A 235 53.01 -5.22 9.90
CA GLU A 235 51.99 -5.83 10.76
C GLU A 235 50.91 -6.54 9.94
N LEU A 236 50.43 -5.86 8.89
CA LEU A 236 49.45 -6.49 8.01
C LEU A 236 50.03 -7.73 7.31
N HIS A 237 51.25 -7.60 6.78
CA HIS A 237 51.88 -8.73 6.10
C HIS A 237 52.06 -9.92 7.02
N LYS A 238 52.48 -9.67 8.25
CA LYS A 238 52.64 -10.74 9.24
C LYS A 238 51.31 -11.33 9.70
N LEU A 239 50.24 -10.55 9.68
CA LEU A 239 48.92 -11.12 9.94
C LEU A 239 48.49 -12.07 8.84
N LEU A 240 48.64 -11.69 7.58
CA LEU A 240 48.08 -12.47 6.49
C LEU A 240 48.97 -13.62 6.00
N GLN A 241 50.29 -13.38 5.87
CA GLN A 241 51.13 -14.36 5.19
C GLN A 241 51.14 -15.76 5.80
N PRO A 242 51.01 -15.94 7.12
CA PRO A 242 50.85 -17.32 7.65
C PRO A 242 49.54 -17.97 7.27
N PHE A 243 48.59 -17.24 6.72
CA PHE A 243 47.23 -17.71 6.55
C PHE A 243 46.75 -17.66 5.11
N LEU A 244 47.29 -16.77 4.29
CA LEU A 244 46.89 -16.61 2.89
C LEU A 244 48.10 -16.69 1.97
N LEU A 245 47.99 -17.47 0.91
CA LEU A 245 48.99 -17.54 -0.16
C LEU A 245 48.50 -16.82 -1.40
N ARG A 246 49.35 -15.96 -1.98
CA ARG A 246 49.02 -15.23 -3.20
C ARG A 246 50.27 -14.98 -4.02
N ARG A 247 50.27 -15.49 -5.26
CA ARG A 247 51.36 -15.36 -6.20
C ARG A 247 50.89 -14.68 -7.48
N VAL A 248 51.78 -13.91 -8.10
CA VAL A 248 51.41 -12.86 -9.06
C VAL A 248 51.83 -13.27 -10.46
N LYS A 249 50.98 -12.96 -11.45
CA LYS A 249 51.23 -13.38 -12.83
C LYS A 249 52.50 -12.76 -13.40
N ALA A 250 52.78 -11.51 -13.07
CA ALA A 250 54.06 -10.91 -13.45
C ALA A 250 55.25 -11.63 -12.81
N GLU A 251 55.03 -12.24 -11.65
CA GLU A 251 56.06 -13.07 -11.02
C GLU A 251 56.19 -14.43 -11.69
N VAL A 252 55.07 -15.00 -12.15
CA VAL A 252 55.10 -16.26 -12.90
C VAL A 252 55.63 -16.05 -14.32
N ALA A 253 55.30 -14.91 -14.93
CA ALA A 253 55.85 -14.48 -16.22
C ALA A 253 55.74 -15.51 -17.35
N THR A 254 56.79 -16.30 -17.55
CA THR A 254 56.83 -17.42 -18.49
C THR A 254 56.52 -17.02 -19.94
N GLU A 255 55.30 -17.27 -20.43
CA GLU A 255 55.00 -16.99 -21.84
C GLU A 255 54.98 -15.51 -22.16
N LEU A 256 54.64 -14.67 -21.18
CA LEU A 256 54.60 -13.21 -21.30
C LEU A 256 53.89 -12.61 -22.52
N PRO A 257 52.72 -13.11 -22.94
CA PRO A 257 51.89 -12.30 -23.85
C PRO A 257 51.44 -11.02 -23.19
N LYS A 258 51.48 -9.92 -23.94
CA LYS A 258 51.10 -8.60 -23.42
C LYS A 258 49.57 -8.40 -23.41
N LYS A 259 49.13 -7.44 -22.60
CA LYS A 259 47.72 -7.12 -22.36
C LYS A 259 47.45 -5.62 -22.45
N THR A 260 47.97 -4.96 -23.47
CA THR A 260 47.93 -3.50 -23.57
C THR A 260 46.50 -2.95 -23.65
N GLU A 261 46.18 -2.01 -22.77
CA GLU A 261 44.88 -1.34 -22.74
C GLU A 261 44.95 0.06 -23.34
N VAL A 262 43.96 0.40 -24.17
CA VAL A 262 43.79 1.75 -24.72
C VAL A 262 42.38 2.26 -24.43
N VAL A 263 42.27 3.56 -24.18
CA VAL A 263 40.99 4.22 -23.93
C VAL A 263 40.65 5.16 -25.08
N ILE A 264 39.46 4.98 -25.65
CA ILE A 264 38.95 5.79 -26.76
C ILE A 264 37.85 6.72 -26.24
N TYR A 265 38.01 8.02 -26.45
CA TYR A 265 37.03 9.02 -26.05
C TYR A 265 36.22 9.46 -27.26
N HIS A 266 34.89 9.45 -27.12
CA HIS A 266 34.01 9.79 -28.25
C HIS A 266 32.79 10.58 -27.82
N GLY A 267 32.34 11.47 -28.72
CA GLY A 267 31.18 12.32 -28.53
C GLY A 267 29.85 11.64 -28.75
N MET A 268 28.84 12.46 -29.08
CA MET A 268 27.45 12.03 -29.18
C MET A 268 26.79 12.60 -30.43
N SER A 269 25.90 11.83 -31.06
CA SER A 269 25.09 12.33 -32.15
C SER A 269 23.91 13.17 -31.65
N ALA A 270 23.36 13.97 -32.57
CA ALA A 270 22.40 15.02 -32.21
C ALA A 270 21.17 14.48 -31.49
N LEU A 271 20.67 13.31 -31.91
CA LEU A 271 19.50 12.72 -31.27
C LEU A 271 19.73 12.48 -29.79
N GLN A 272 20.81 11.77 -29.45
CA GLN A 272 21.14 11.53 -28.06
C GLN A 272 21.60 12.80 -27.34
N LYS A 273 22.19 13.75 -28.05
CA LYS A 273 22.48 15.05 -27.44
C LYS A 273 21.22 15.75 -26.94
N LYS A 274 20.14 15.76 -27.74
CA LYS A 274 18.88 16.31 -27.26
C LYS A 274 18.41 15.62 -25.99
N TYR A 275 18.36 14.29 -26.01
CA TYR A 275 17.83 13.55 -24.88
C TYR A 275 18.70 13.69 -23.63
N TYR A 276 20.02 13.72 -23.78
CA TYR A 276 20.89 13.89 -22.62
C TYR A 276 20.58 15.19 -21.89
N LYS A 277 20.41 16.28 -22.64
CA LYS A 277 20.00 17.55 -22.07
C LYS A 277 18.60 17.47 -21.46
N ALA A 278 17.67 16.82 -22.16
CA ALA A 278 16.31 16.68 -21.66
C ALA A 278 16.26 15.91 -20.35
N ILE A 279 17.06 14.84 -20.23
CA ILE A 279 17.12 14.08 -18.98
C ILE A 279 17.63 14.95 -17.84
N LEU A 280 18.58 15.84 -18.11
CA LEU A 280 19.00 16.79 -17.10
C LEU A 280 17.94 17.81 -16.76
N MET A 281 16.84 17.88 -17.51
CA MET A 281 15.86 18.94 -17.36
C MET A 281 14.44 18.38 -17.37
N LYS A 282 13.75 18.49 -18.51
CA LYS A 282 12.42 17.94 -18.66
C LYS A 282 12.21 17.48 -20.10
N ASP A 283 11.35 16.47 -20.26
CA ASP A 283 10.99 15.93 -21.58
C ASP A 283 9.79 16.64 -22.20
N LEU A 284 9.84 16.80 -23.53
CA LEU A 284 8.76 17.34 -24.32
C LEU A 284 7.73 16.27 -24.65
N ASP A 285 6.52 16.72 -25.02
CA ASP A 285 5.49 15.77 -25.46
C ASP A 285 5.80 15.15 -26.81
N ALA A 286 6.70 15.74 -27.60
CA ALA A 286 7.31 15.00 -28.70
C ALA A 286 7.97 13.73 -28.20
N PHE A 287 8.66 13.83 -27.06
CA PHE A 287 9.28 12.67 -26.42
C PHE A 287 8.25 11.77 -25.74
N GLU A 288 6.99 12.20 -25.62
CA GLU A 288 5.92 11.29 -25.21
C GLU A 288 5.44 10.42 -26.37
N ASN A 289 5.32 11.00 -27.55
CA ASN A 289 5.01 10.23 -28.73
C ASN A 289 6.15 9.29 -29.06
N GLU A 290 7.40 9.76 -28.90
CA GLU A 290 8.56 8.87 -28.89
C GLU A 290 8.67 8.08 -27.58
N THR A 291 7.76 8.29 -26.62
CA THR A 291 7.60 7.53 -25.39
C THR A 291 8.85 7.56 -24.49
N ALA A 292 9.84 8.40 -24.81
CA ALA A 292 10.88 8.75 -23.85
C ALA A 292 10.38 9.56 -22.66
N LYS A 293 9.11 9.98 -22.64
CA LYS A 293 8.37 10.20 -21.40
C LYS A 293 7.12 9.32 -21.41
N LYS A 294 6.61 9.05 -20.18
CA LYS A 294 5.85 7.88 -19.74
C LYS A 294 6.80 6.82 -19.19
N VAL A 295 8.03 6.75 -19.69
CA VAL A 295 9.12 6.20 -18.88
C VAL A 295 9.49 7.19 -17.75
N LYS A 296 10.10 6.64 -16.70
CA LYS A 296 10.23 7.31 -15.42
C LYS A 296 11.62 7.95 -15.25
N LEU A 297 11.68 8.91 -14.32
CA LEU A 297 12.87 9.73 -14.12
C LEU A 297 13.41 9.68 -12.69
N GLN A 298 12.92 8.77 -11.86
CA GLN A 298 13.20 8.82 -10.42
C GLN A 298 14.64 8.48 -10.09
N ASN A 299 15.37 7.86 -11.01
CA ASN A 299 16.83 7.79 -10.95
C ASN A 299 17.40 8.38 -12.23
N ILE A 300 18.46 9.17 -12.08
CA ILE A 300 19.06 9.88 -13.20
C ILE A 300 20.25 9.13 -13.80
N LEU A 301 21.14 8.60 -12.96
CA LEU A 301 22.41 8.04 -13.44
C LEU A 301 22.20 6.94 -14.46
N SER A 302 21.23 6.06 -14.22
CA SER A 302 20.90 5.00 -15.17
C SER A 302 20.47 5.57 -16.52
N GLN A 303 19.57 6.54 -16.51
CA GLN A 303 19.06 7.09 -17.75
C GLN A 303 20.13 7.81 -18.56
N LEU A 304 21.00 8.58 -17.89
CA LEU A 304 22.11 9.21 -18.59
C LEU A 304 23.03 8.18 -19.25
N ARG A 305 23.36 7.10 -18.53
CA ARG A 305 24.19 6.06 -19.12
C ARG A 305 23.55 5.43 -20.34
N LYS A 306 22.27 5.06 -20.26
CA LYS A 306 21.57 4.58 -21.45
C LYS A 306 21.68 5.56 -22.61
N CYS A 307 21.44 6.85 -22.33
CA CYS A 307 21.42 7.85 -23.39
C CYS A 307 22.73 7.94 -24.14
N VAL A 308 23.86 7.97 -23.42
CA VAL A 308 25.14 7.98 -24.11
C VAL A 308 25.44 6.65 -24.79
N ASP A 309 24.96 5.54 -24.24
CA ASP A 309 25.24 4.24 -24.86
C ASP A 309 24.42 4.04 -26.14
N HIS A 310 23.09 4.11 -26.04
CA HIS A 310 22.26 4.16 -27.24
C HIS A 310 20.84 4.65 -26.95
N PRO A 311 20.36 5.68 -27.64
CA PRO A 311 19.01 6.19 -27.35
C PRO A 311 17.88 5.23 -27.67
N TYR A 312 18.07 4.25 -28.55
CA TYR A 312 17.02 3.26 -28.74
C TYR A 312 16.90 2.27 -27.59
N LEU A 313 17.74 2.38 -26.56
CA LEU A 313 17.44 1.72 -25.30
C LEU A 313 16.18 2.27 -24.65
N PHE A 314 15.77 3.49 -25.00
CA PHE A 314 14.48 4.01 -24.58
C PHE A 314 13.38 3.50 -25.50
N ASP A 315 12.23 3.17 -24.92
CA ASP A 315 11.09 2.65 -25.67
C ASP A 315 10.48 3.71 -26.58
N GLY A 316 10.28 3.36 -27.85
CA GLY A 316 9.58 4.20 -28.81
C GLY A 316 10.43 5.21 -29.55
N VAL A 317 11.72 5.31 -29.22
CA VAL A 317 12.55 6.35 -29.81
C VAL A 317 12.96 6.03 -31.25
N GLU A 318 13.13 4.77 -31.60
CA GLU A 318 13.30 4.44 -33.01
C GLU A 318 11.99 4.67 -33.76
N PRO A 319 12.02 5.41 -34.87
CA PRO A 319 10.79 6.04 -35.36
C PRO A 319 9.77 5.07 -35.93
N GLU A 320 10.20 3.92 -36.43
CA GLU A 320 9.30 2.90 -36.93
C GLU A 320 9.78 1.54 -36.45
N PRO A 321 8.87 0.69 -35.95
CA PRO A 321 9.32 -0.58 -35.36
C PRO A 321 9.92 -1.54 -36.38
N PHE A 322 9.64 -1.34 -37.66
CA PHE A 322 10.13 -2.18 -38.74
C PHE A 322 11.50 -1.77 -39.26
N GLU A 323 12.09 -0.71 -38.70
CA GLU A 323 13.34 -0.13 -39.20
C GLU A 323 14.49 -1.14 -39.25
N VAL A 324 15.20 -1.13 -40.38
CA VAL A 324 16.51 -1.79 -40.51
C VAL A 324 17.41 -0.87 -41.34
N GLY A 325 18.64 -0.67 -40.91
CA GLY A 325 19.55 0.23 -41.61
C GLY A 325 20.65 0.74 -40.71
N ASP A 326 21.62 1.40 -41.35
CA ASP A 326 22.80 1.91 -40.66
C ASP A 326 22.51 3.13 -39.79
N HIS A 327 21.30 3.69 -39.86
CA HIS A 327 20.89 4.70 -38.90
C HIS A 327 21.08 4.22 -37.47
N LEU A 328 20.94 2.91 -37.27
CA LEU A 328 21.24 2.29 -35.98
C LEU A 328 22.67 2.62 -35.53
N THR A 329 23.63 2.62 -36.46
CA THR A 329 25.00 2.96 -36.12
C THR A 329 25.21 4.46 -35.95
N GLU A 330 24.36 5.28 -36.54
CA GLU A 330 24.46 6.72 -36.39
C GLU A 330 23.84 7.21 -35.08
N ALA A 331 22.76 6.59 -34.64
CA ALA A 331 22.09 7.01 -33.41
C ALA A 331 22.96 6.90 -32.16
N SER A 332 24.01 6.09 -32.19
CA SER A 332 24.98 6.03 -31.11
C SER A 332 26.38 6.31 -31.63
N GLY A 333 27.04 7.30 -31.03
CA GLY A 333 28.44 7.55 -31.32
C GLY A 333 29.32 6.35 -31.07
N LYS A 334 29.07 5.63 -29.97
CA LYS A 334 29.78 4.38 -29.71
C LYS A 334 29.64 3.40 -30.88
N LEU A 335 28.41 3.18 -31.35
CA LEU A 335 28.23 2.25 -32.45
C LEU A 335 28.89 2.73 -33.74
N HIS A 336 28.92 4.03 -33.98
CA HIS A 336 29.62 4.54 -35.14
C HIS A 336 31.10 4.15 -35.12
N LEU A 337 31.76 4.37 -33.99
CA LEU A 337 33.15 3.93 -33.88
C LEU A 337 33.27 2.41 -33.88
N LEU A 338 32.39 1.73 -33.15
CA LEU A 338 32.51 0.29 -33.03
C LEU A 338 32.32 -0.41 -34.37
N ASP A 339 31.38 0.07 -35.19
CA ASP A 339 31.22 -0.47 -36.54
C ASP A 339 32.50 -0.33 -37.34
N LYS A 340 33.09 0.87 -37.32
CA LYS A 340 34.37 1.11 -37.99
C LYS A 340 35.48 0.22 -37.43
N LEU A 341 35.58 0.16 -36.11
CA LEU A 341 36.61 -0.64 -35.46
C LEU A 341 36.44 -2.13 -35.71
N LEU A 342 35.21 -2.63 -35.64
CA LEU A 342 34.98 -4.05 -35.94
C LEU A 342 35.27 -4.39 -37.39
N ALA A 343 34.84 -3.55 -38.32
CA ALA A 343 35.20 -3.74 -39.72
C ALA A 343 36.71 -3.78 -39.90
N PHE A 344 37.43 -2.88 -39.23
CA PHE A 344 38.89 -2.89 -39.28
C PHE A 344 39.46 -4.19 -38.71
N LEU A 345 39.07 -4.55 -37.49
CA LEU A 345 39.60 -5.75 -36.85
C LEU A 345 39.24 -7.01 -37.63
N TYR A 346 38.01 -7.08 -38.14
CA TYR A 346 37.61 -8.19 -39.00
C TYR A 346 38.47 -8.26 -40.25
N SER A 347 38.73 -7.12 -40.87
CA SER A 347 39.64 -7.09 -42.01
C SER A 347 41.06 -7.48 -41.60
N GLY A 348 41.45 -7.17 -40.37
CA GLY A 348 42.69 -7.67 -39.82
C GLY A 348 42.66 -9.09 -39.29
N GLY A 349 41.54 -9.79 -39.46
CA GLY A 349 41.39 -11.16 -39.00
C GLY A 349 41.38 -11.39 -37.50
N HIS A 350 41.27 -10.33 -36.71
CA HIS A 350 41.31 -10.45 -35.25
C HIS A 350 39.94 -10.82 -34.68
N ARG A 351 39.91 -11.83 -33.82
CA ARG A 351 38.70 -12.22 -33.08
C ARG A 351 38.62 -11.47 -31.75
N VAL A 352 37.38 -11.27 -31.26
CA VAL A 352 37.13 -10.31 -30.20
C VAL A 352 36.06 -10.80 -29.22
N LEU A 353 36.20 -10.36 -27.97
CA LEU A 353 35.17 -10.48 -26.93
C LEU A 353 34.57 -9.11 -26.62
N LEU A 354 33.24 -9.02 -26.62
CA LEU A 354 32.51 -7.83 -26.19
C LEU A 354 31.80 -8.07 -24.86
N PHE A 355 32.11 -7.25 -23.85
CA PHE A 355 31.45 -7.31 -22.55
C PHE A 355 30.48 -6.14 -22.38
N SER A 356 29.24 -6.43 -22.00
CA SER A 356 28.22 -5.41 -21.78
C SER A 356 27.69 -5.46 -20.34
N GLN A 357 27.40 -4.29 -19.78
CA GLN A 357 26.70 -4.19 -18.51
C GLN A 357 25.20 -4.43 -18.63
N MET A 358 24.64 -4.40 -19.83
CA MET A 358 23.20 -4.39 -20.00
C MET A 358 22.76 -5.41 -21.05
N THR A 359 21.66 -6.10 -20.74
CA THR A 359 21.11 -7.09 -21.65
C THR A 359 20.65 -6.49 -22.97
N GLN A 360 19.83 -5.44 -22.92
CA GLN A 360 19.32 -4.84 -24.15
C GLN A 360 20.42 -4.30 -25.04
N MET A 361 21.55 -3.92 -24.46
CA MET A 361 22.69 -3.52 -25.29
C MET A 361 23.24 -4.68 -26.11
N LEU A 362 23.30 -5.88 -25.52
CA LEU A 362 23.66 -7.05 -26.31
C LEU A 362 22.64 -7.34 -27.41
N ASP A 363 21.36 -7.14 -27.13
CA ASP A 363 20.34 -7.32 -28.16
C ASP A 363 20.56 -6.41 -29.36
N ILE A 364 20.79 -5.12 -29.09
CA ILE A 364 21.08 -4.16 -30.15
C ILE A 364 22.36 -4.55 -30.90
N LEU A 365 23.41 -4.91 -30.16
CA LEU A 365 24.65 -5.33 -30.81
C LEU A 365 24.44 -6.54 -31.70
N GLN A 366 23.65 -7.51 -31.25
CA GLN A 366 23.37 -8.67 -32.07
C GLN A 366 22.54 -8.33 -33.31
N ASP A 367 21.64 -7.35 -33.20
CA ASP A 367 20.97 -6.84 -34.39
C ASP A 367 21.97 -6.28 -35.40
N TYR A 368 22.99 -5.56 -34.93
CA TYR A 368 24.06 -5.11 -35.80
C TYR A 368 24.84 -6.27 -36.40
N MET A 369 25.15 -7.29 -35.61
CA MET A 369 25.82 -8.47 -36.15
C MET A 369 24.96 -9.17 -37.20
N ASP A 370 23.66 -9.26 -36.98
CA ASP A 370 22.76 -9.79 -37.99
C ASP A 370 22.74 -8.93 -39.24
N TYR A 371 22.70 -7.61 -39.06
CA TYR A 371 22.73 -6.69 -40.20
C TYR A 371 24.05 -6.78 -40.96
N ARG A 372 25.16 -6.90 -40.25
CA ARG A 372 26.46 -7.14 -40.88
C ARG A 372 26.63 -8.56 -41.40
N GLY A 373 25.86 -9.51 -40.87
CA GLY A 373 26.10 -10.92 -41.16
C GLY A 373 27.38 -11.48 -40.56
N TYR A 374 27.86 -10.91 -39.46
CA TYR A 374 29.04 -11.40 -38.78
C TYR A 374 28.76 -12.72 -38.04
N SER A 375 29.82 -13.51 -37.84
CA SER A 375 29.75 -14.76 -37.10
C SER A 375 29.92 -14.49 -35.60
N TYR A 376 28.97 -14.94 -34.79
CA TYR A 376 28.97 -14.62 -33.36
C TYR A 376 28.44 -15.76 -32.51
N GLU A 377 28.77 -15.68 -31.21
CA GLU A 377 28.15 -16.47 -30.15
C GLU A 377 27.78 -15.56 -28.97
N ARG A 378 26.87 -16.03 -28.12
CA ARG A 378 26.36 -15.23 -27.02
C ARG A 378 26.28 -16.05 -25.74
N VAL A 379 26.71 -15.45 -24.63
CA VAL A 379 26.48 -16.00 -23.28
C VAL A 379 25.92 -14.91 -22.38
N ASP A 380 24.84 -15.23 -21.67
CA ASP A 380 24.00 -14.26 -21.00
C ASP A 380 23.26 -15.01 -19.90
N GLY A 381 22.90 -14.30 -18.83
CA GLY A 381 22.28 -14.93 -17.69
C GLY A 381 21.03 -15.75 -17.97
N SER A 382 20.34 -15.47 -19.06
CA SER A 382 19.19 -16.26 -19.47
C SER A 382 19.56 -17.56 -20.18
N VAL A 383 20.79 -17.69 -20.65
CA VAL A 383 21.24 -18.86 -21.40
C VAL A 383 21.42 -20.05 -20.47
N ARG A 384 20.90 -21.21 -20.88
CA ARG A 384 20.94 -22.42 -20.06
C ARG A 384 22.35 -23.00 -19.95
N GLY A 385 22.51 -23.89 -18.97
CA GLY A 385 23.79 -24.54 -18.75
C GLY A 385 24.32 -25.35 -19.93
N GLU A 386 23.45 -26.08 -20.61
CA GLU A 386 23.89 -26.81 -21.79
C GLU A 386 24.26 -25.86 -22.91
N GLU A 387 23.42 -24.87 -23.14
CA GLU A 387 23.66 -23.87 -24.17
C GLU A 387 24.99 -23.14 -23.95
N ARG A 388 25.30 -22.82 -22.69
CA ARG A 388 26.60 -22.24 -22.39
C ARG A 388 27.73 -23.17 -22.77
N HIS A 389 27.63 -24.45 -22.39
CA HIS A 389 28.66 -25.41 -22.74
C HIS A 389 28.82 -25.53 -24.25
N LEU A 390 27.71 -25.69 -24.96
CA LEU A 390 27.72 -25.75 -26.42
C LEU A 390 28.35 -24.50 -27.03
N ALA A 391 27.94 -23.33 -26.58
CA ALA A 391 28.50 -22.07 -27.08
C ALA A 391 30.01 -22.00 -26.88
N ILE A 392 30.49 -22.44 -25.72
CA ILE A 392 31.94 -22.44 -25.48
C ILE A 392 32.64 -23.35 -26.47
N LYS A 393 32.14 -24.58 -26.63
CA LYS A 393 32.72 -25.49 -27.62
C LYS A 393 32.58 -24.96 -29.03
N ASN A 394 31.51 -24.21 -29.31
CA ASN A 394 31.36 -23.58 -30.63
C ASN A 394 32.30 -22.41 -30.85
N PHE A 395 32.73 -21.72 -29.79
CA PHE A 395 33.66 -20.62 -29.98
C PHE A 395 35.11 -21.06 -30.03
N GLY A 396 35.45 -22.16 -29.37
CA GLY A 396 36.56 -22.96 -29.82
C GLY A 396 36.27 -23.60 -31.16
N GLN A 397 37.24 -24.40 -31.61
CA GLN A 397 37.11 -25.24 -32.80
C GLN A 397 36.94 -24.50 -34.12
N GLN A 398 36.41 -23.28 -34.14
CA GLN A 398 36.15 -22.62 -35.42
C GLN A 398 36.21 -21.11 -35.24
N PRO A 399 36.44 -20.34 -36.34
CA PRO A 399 36.68 -18.88 -36.29
C PRO A 399 35.43 -18.02 -36.13
N ILE A 400 34.71 -18.20 -35.02
CA ILE A 400 33.62 -17.30 -34.67
C ILE A 400 34.19 -15.91 -34.37
N PHE A 401 33.71 -14.88 -35.09
CA PHE A 401 34.38 -13.58 -35.03
C PHE A 401 34.31 -12.98 -33.63
N VAL A 402 33.12 -12.98 -33.03
CA VAL A 402 32.85 -12.20 -31.83
C VAL A 402 32.04 -13.02 -30.83
N PHE A 403 32.36 -12.87 -29.55
CA PHE A 403 31.56 -13.40 -28.45
C PHE A 403 30.85 -12.25 -27.72
N LEU A 404 29.53 -12.36 -27.58
CA LEU A 404 28.73 -11.42 -26.82
C LEU A 404 28.56 -11.94 -25.39
N LEU A 405 29.02 -11.15 -24.40
CA LEU A 405 29.09 -11.60 -23.01
C LEU A 405 28.50 -10.58 -22.05
N SER A 406 27.67 -11.05 -21.12
CA SER A 406 27.38 -10.27 -19.92
C SER A 406 28.63 -10.18 -19.05
N THR A 407 28.88 -8.98 -18.50
CA THR A 407 30.02 -8.80 -17.60
C THR A 407 29.98 -9.71 -16.38
N ARG A 408 28.79 -10.03 -15.87
CA ARG A 408 28.70 -10.88 -14.69
C ARG A 408 28.68 -12.37 -15.04
N ALA A 409 27.64 -12.81 -15.74
CA ALA A 409 27.50 -14.24 -16.06
C ALA A 409 28.64 -14.73 -16.95
N GLY A 410 29.20 -13.87 -17.79
CA GLY A 410 30.27 -14.25 -18.69
C GLY A 410 31.67 -13.97 -18.21
N GLY A 411 31.82 -13.32 -17.06
CA GLY A 411 33.11 -12.83 -16.65
C GLY A 411 34.09 -13.84 -16.08
N VAL A 412 33.64 -15.05 -15.74
CA VAL A 412 34.38 -15.87 -14.79
C VAL A 412 34.80 -17.21 -15.41
N GLY A 413 35.94 -17.71 -14.91
CA GLY A 413 36.38 -19.08 -15.09
C GLY A 413 36.79 -19.60 -16.45
N MET A 414 36.04 -19.26 -17.49
CA MET A 414 36.17 -19.92 -18.79
C MET A 414 37.50 -19.62 -19.47
N ASN A 415 37.99 -20.62 -20.23
CA ASN A 415 39.04 -20.41 -21.23
C ASN A 415 38.45 -19.76 -22.48
N LEU A 416 38.96 -18.59 -22.85
CA LEU A 416 38.62 -17.95 -24.12
C LEU A 416 39.86 -17.49 -24.88
N THR A 417 40.93 -18.30 -24.84
CA THR A 417 42.18 -18.00 -25.56
C THR A 417 42.00 -17.84 -27.07
N ALA A 418 40.88 -18.28 -27.63
CA ALA A 418 40.63 -18.10 -29.07
C ALA A 418 40.52 -16.65 -29.52
N ALA A 419 40.19 -15.71 -28.62
CA ALA A 419 40.10 -14.30 -29.00
C ALA A 419 41.46 -13.61 -29.01
N ASP A 420 41.60 -12.64 -29.93
CA ASP A 420 42.77 -11.77 -29.99
C ASP A 420 42.60 -10.47 -29.21
N THR A 421 41.36 -10.04 -28.94
CA THR A 421 41.10 -8.68 -28.47
C THR A 421 39.87 -8.67 -27.57
N VAL A 422 39.79 -7.65 -26.73
CA VAL A 422 38.70 -7.46 -25.79
C VAL A 422 38.23 -6.01 -25.85
N ILE A 423 36.92 -5.79 -25.86
CA ILE A 423 36.34 -4.45 -25.82
C ILE A 423 35.38 -4.35 -24.64
N PHE A 424 35.64 -3.40 -23.76
CA PHE A 424 34.67 -2.93 -22.76
C PHE A 424 33.82 -1.82 -23.38
N VAL A 425 32.67 -2.20 -23.94
CA VAL A 425 31.79 -1.22 -24.56
C VAL A 425 31.26 -0.23 -23.53
N ASP A 426 31.04 -0.67 -22.29
CA ASP A 426 30.60 0.21 -21.22
C ASP A 426 31.50 0.05 -19.99
N SER A 427 31.63 1.15 -19.24
CA SER A 427 32.45 1.19 -18.03
C SER A 427 31.80 0.40 -16.89
N ASP A 428 32.53 0.33 -15.76
CA ASP A 428 32.14 -0.44 -14.59
C ASP A 428 32.44 0.31 -13.31
N PHE A 429 31.59 0.12 -12.29
CA PHE A 429 31.84 0.69 -10.97
C PHE A 429 33.00 0.06 -10.22
N ASN A 430 33.39 -1.17 -10.55
CA ASN A 430 34.55 -1.79 -9.91
C ASN A 430 35.57 -2.20 -10.95
N PRO A 431 36.80 -1.70 -10.88
CA PRO A 431 37.81 -2.10 -11.87
C PRO A 431 38.10 -3.59 -11.90
N GLN A 432 37.95 -4.27 -10.76
CA GLN A 432 38.26 -5.69 -10.72
C GLN A 432 37.30 -6.52 -11.58
N ASN A 433 36.08 -6.03 -11.81
CA ASN A 433 35.21 -6.70 -12.76
C ASN A 433 35.83 -6.72 -14.16
N ASP A 434 36.45 -5.61 -14.56
CA ASP A 434 37.12 -5.59 -15.86
C ASP A 434 38.34 -6.50 -15.88
N LEU A 435 39.10 -6.51 -14.79
CA LEU A 435 40.25 -7.41 -14.69
C LEU A 435 39.81 -8.87 -14.76
N GLN A 436 38.74 -9.21 -14.05
CA GLN A 436 38.18 -10.55 -14.11
C GLN A 436 37.75 -10.93 -15.52
N ALA A 437 37.08 -10.01 -16.23
CA ALA A 437 36.71 -10.25 -17.62
C ALA A 437 37.93 -10.39 -18.54
N ALA A 438 38.91 -9.50 -18.39
CA ALA A 438 40.12 -9.61 -19.20
C ALA A 438 40.87 -10.92 -18.97
N ALA A 439 40.83 -11.44 -17.77
CA ALA A 439 41.39 -12.74 -17.45
C ALA A 439 40.62 -13.91 -18.04
N ARG A 440 39.60 -13.72 -18.89
CA ARG A 440 39.13 -14.83 -19.70
C ARG A 440 40.16 -15.26 -20.74
N ALA A 441 40.98 -14.33 -21.22
CA ALA A 441 42.23 -14.72 -21.84
C ALA A 441 43.28 -15.10 -20.80
N HIS A 442 44.36 -15.73 -21.28
CA HIS A 442 45.58 -16.02 -20.53
C HIS A 442 45.51 -17.08 -19.42
N ARG A 443 44.33 -17.55 -19.03
CA ARG A 443 44.29 -18.58 -18.01
C ARG A 443 44.81 -19.91 -18.56
N ILE A 444 45.77 -20.50 -17.85
CA ILE A 444 46.65 -21.58 -18.32
C ILE A 444 47.32 -21.19 -19.64
N GLY A 445 47.83 -19.96 -19.70
CA GLY A 445 48.58 -19.46 -20.83
C GLY A 445 47.74 -18.92 -21.98
N GLN A 446 48.43 -18.25 -22.90
CA GLN A 446 47.87 -17.76 -24.15
C GLN A 446 48.99 -17.69 -25.20
N ASN A 447 48.61 -17.87 -26.47
CA ASN A 447 49.59 -17.94 -27.55
C ASN A 447 50.06 -16.58 -28.06
N LYS A 448 49.27 -15.52 -27.87
CA LYS A 448 49.48 -14.26 -28.57
C LYS A 448 49.23 -13.08 -27.65
N SER A 449 49.81 -11.93 -28.00
CA SER A 449 49.47 -10.67 -27.36
C SER A 449 48.00 -10.31 -27.58
N VAL A 450 47.41 -9.64 -26.59
CA VAL A 450 46.00 -9.25 -26.62
C VAL A 450 45.85 -7.76 -26.32
N LYS A 451 45.01 -7.08 -27.11
CA LYS A 451 44.66 -5.68 -26.89
C LYS A 451 43.32 -5.54 -26.17
N VAL A 452 43.28 -4.63 -25.20
CA VAL A 452 42.06 -4.27 -24.47
C VAL A 452 41.64 -2.85 -24.86
N ILE A 453 40.40 -2.69 -25.30
CA ILE A 453 39.88 -1.40 -25.77
C ILE A 453 38.71 -0.97 -24.89
N ARG A 454 38.80 0.23 -24.33
CA ARG A 454 37.75 0.83 -23.52
C ARG A 454 37.14 2.03 -24.25
N LEU A 455 35.82 2.05 -24.40
CA LEU A 455 35.11 3.15 -25.04
C LEU A 455 34.45 4.07 -24.02
N ILE A 456 34.73 5.37 -24.11
CA ILE A 456 34.27 6.37 -23.14
C ILE A 456 33.45 7.44 -23.85
N GLY A 457 32.25 7.70 -23.33
CA GLY A 457 31.48 8.89 -23.67
C GLY A 457 32.14 10.17 -23.20
N ARG A 458 32.79 10.87 -24.13
CA ARG A 458 33.53 12.09 -23.82
C ARG A 458 32.62 13.21 -23.27
N ASP A 459 33.10 13.85 -22.20
CA ASP A 459 32.35 14.88 -21.48
C ASP A 459 30.96 14.41 -21.04
N THR A 460 30.90 13.19 -20.52
CA THR A 460 29.67 12.65 -19.97
C THR A 460 29.97 11.99 -18.62
N VAL A 461 28.90 11.65 -17.90
CA VAL A 461 28.97 10.94 -16.63
C VAL A 461 29.82 9.68 -16.70
N GLU A 462 29.98 9.11 -17.90
CA GLU A 462 30.86 7.95 -18.04
C GLU A 462 32.30 8.26 -17.64
N GLU A 463 32.78 9.48 -17.91
CA GLU A 463 34.10 9.86 -17.43
C GLU A 463 34.16 9.90 -15.90
N ILE A 464 33.08 10.37 -15.27
CA ILE A 464 33.06 10.48 -13.81
C ILE A 464 33.11 9.10 -13.17
N VAL A 465 32.28 8.18 -13.65
CA VAL A 465 32.30 6.80 -13.15
C VAL A 465 33.67 6.18 -13.34
N TYR A 466 34.27 6.37 -14.52
CA TYR A 466 35.61 5.87 -14.77
C TYR A 466 36.63 6.39 -13.77
N ARG A 467 36.63 7.71 -13.53
CA ARG A 467 37.56 8.29 -12.57
C ARG A 467 37.30 7.82 -11.14
N LYS A 468 36.03 7.76 -10.74
CA LYS A 468 35.69 7.21 -9.42
C LYS A 468 36.17 5.78 -9.26
N ALA A 469 35.87 4.92 -10.24
CA ALA A 469 36.28 3.52 -10.17
C ALA A 469 37.79 3.38 -10.03
N ALA A 470 38.55 4.11 -10.85
CA ALA A 470 40.01 4.07 -10.75
C ALA A 470 40.49 4.43 -9.35
N SER A 471 39.81 5.36 -8.68
CA SER A 471 40.21 5.74 -7.33
C SER A 471 40.12 4.58 -6.33
N LYS A 472 39.17 3.66 -6.52
CA LYS A 472 39.06 2.51 -5.64
C LYS A 472 40.27 1.58 -5.75
N LEU A 473 40.71 1.31 -6.98
CA LEU A 473 41.89 0.49 -7.21
C LEU A 473 43.14 1.12 -6.59
N GLN A 474 43.30 2.42 -6.79
CA GLN A 474 44.47 3.15 -6.31
C GLN A 474 44.60 3.11 -4.78
N LEU A 475 43.50 2.92 -4.06
CA LEU A 475 43.58 2.61 -2.64
C LEU A 475 43.96 1.14 -2.39
N THR A 476 43.26 0.22 -3.05
CA THR A 476 43.29 -1.19 -2.67
C THR A 476 44.68 -1.82 -2.81
N ASN A 477 45.43 -1.43 -3.85
CA ASN A 477 46.71 -2.08 -4.12
C ASN A 477 47.69 -1.98 -2.95
N MET A 478 47.63 -0.90 -2.17
CA MET A 478 48.56 -0.76 -1.04
C MET A 478 48.37 -1.87 -0.01
N ILE A 479 47.17 -2.44 0.08
CA ILE A 479 46.96 -3.62 0.91
C ILE A 479 47.36 -4.89 0.18
N ILE A 480 46.83 -5.08 -1.02
CA ILE A 480 46.86 -6.39 -1.68
C ILE A 480 48.19 -6.68 -2.36
N GLU A 481 49.02 -5.66 -2.60
CA GLU A 481 50.42 -5.90 -2.93
C GLU A 481 51.27 -6.24 -1.71
N GLY A 482 50.69 -6.25 -0.52
CA GLY A 482 51.36 -6.75 0.67
C GLY A 482 51.30 -8.25 0.83
N GLY A 483 51.20 -8.69 2.09
CA GLY A 483 51.03 -10.10 2.40
C GLY A 483 52.19 -10.97 1.94
N HIS A 484 51.88 -12.04 1.19
CA HIS A 484 52.92 -12.90 0.66
C HIS A 484 53.75 -12.23 -0.44
N PHE A 485 53.14 -11.33 -1.20
CA PHE A 485 53.87 -10.73 -2.32
C PHE A 485 55.00 -9.82 -1.83
N THR A 486 54.82 -9.16 -0.70
CA THR A 486 55.94 -8.61 0.04
C THR A 486 56.75 -9.73 0.71
N PRO B 39 -9.74 -43.31 -16.40
CA PRO B 39 -9.88 -41.86 -16.16
C PRO B 39 -10.78 -41.56 -14.97
N HIS B 40 -10.65 -40.36 -14.40
CA HIS B 40 -11.49 -39.96 -13.28
C HIS B 40 -11.77 -38.46 -13.38
N ARG B 41 -12.97 -38.06 -12.97
CA ARG B 41 -13.36 -36.66 -12.89
C ARG B 41 -14.27 -36.42 -11.70
N TYR B 42 -14.09 -35.27 -11.05
CA TYR B 42 -15.12 -34.69 -10.21
C TYR B 42 -16.15 -33.96 -11.07
N ARG B 43 -17.40 -33.95 -10.59
CA ARG B 43 -18.47 -33.26 -11.30
C ARG B 43 -18.39 -31.75 -11.12
N PRO B 44 -18.98 -30.99 -12.04
CA PRO B 44 -18.95 -29.53 -11.94
C PRO B 44 -19.47 -29.02 -10.61
N GLY B 45 -18.69 -28.13 -9.99
CA GLY B 45 -19.02 -27.55 -8.72
C GLY B 45 -18.46 -28.27 -7.51
N THR B 46 -18.04 -29.51 -7.65
CA THR B 46 -17.42 -30.22 -6.53
C THR B 46 -16.12 -29.53 -6.10
N VAL B 47 -15.31 -29.13 -7.06
CA VAL B 47 -14.04 -28.50 -6.72
C VAL B 47 -14.24 -27.07 -6.25
N ALA B 48 -15.23 -26.37 -6.80
CA ALA B 48 -15.52 -25.01 -6.35
C ALA B 48 -15.82 -24.94 -4.85
N LEU B 49 -16.57 -25.91 -4.34
CA LEU B 49 -16.87 -25.94 -2.92
C LEU B 49 -15.62 -26.14 -2.07
N ARG B 50 -14.68 -26.96 -2.52
CA ARG B 50 -13.40 -27.07 -1.81
C ARG B 50 -12.68 -25.72 -1.74
N GLU B 51 -12.61 -25.03 -2.87
CA GLU B 51 -11.94 -23.74 -2.89
C GLU B 51 -12.58 -22.73 -1.94
N ILE B 52 -13.91 -22.68 -1.89
CA ILE B 52 -14.56 -21.80 -0.92
C ILE B 52 -14.09 -22.11 0.50
N ARG B 53 -14.12 -23.38 0.87
CA ARG B 53 -13.70 -23.75 2.22
C ARG B 53 -12.22 -23.49 2.48
N ARG B 54 -11.36 -23.65 1.47
CA ARG B 54 -9.95 -23.33 1.67
C ARG B 54 -9.72 -21.83 1.89
N TYR B 55 -10.18 -20.99 0.97
CA TYR B 55 -9.86 -19.58 1.05
C TYR B 55 -10.56 -18.87 2.20
N GLN B 56 -11.75 -19.29 2.59
CA GLN B 56 -12.36 -18.69 3.78
C GLN B 56 -11.58 -19.04 5.05
N LYS B 57 -10.88 -20.17 5.06
CA LYS B 57 -10.03 -20.52 6.19
C LYS B 57 -8.68 -19.80 6.17
N SER B 58 -8.14 -19.51 5.00
CA SER B 58 -6.85 -18.83 4.85
C SER B 58 -6.91 -17.35 5.25
N THR B 59 -5.73 -16.81 5.56
CA THR B 59 -5.52 -15.40 5.86
C THR B 59 -4.64 -14.69 4.83
N GLU B 60 -4.21 -15.37 3.78
CA GLU B 60 -3.31 -14.81 2.77
C GLU B 60 -3.89 -13.60 2.06
N LEU B 61 -3.00 -12.76 1.55
CA LEU B 61 -3.30 -11.87 0.42
C LEU B 61 -3.31 -12.65 -0.89
N LEU B 62 -4.18 -12.24 -1.81
CA LEU B 62 -4.52 -13.05 -2.96
C LEU B 62 -4.03 -12.51 -4.30
N ILE B 63 -3.72 -11.23 -4.40
CA ILE B 63 -3.17 -10.63 -5.61
C ILE B 63 -1.66 -10.61 -5.54
N ARG B 64 -1.01 -10.92 -6.66
CA ARG B 64 0.44 -10.87 -6.73
C ARG B 64 0.95 -9.46 -6.44
N LYS B 65 1.97 -9.36 -5.60
CA LYS B 65 2.38 -8.06 -5.09
C LYS B 65 2.95 -7.16 -6.18
N LEU B 66 3.90 -7.67 -6.94
CA LEU B 66 4.58 -6.84 -7.93
C LEU B 66 3.65 -6.28 -9.00
N PRO B 67 2.74 -7.05 -9.60
CA PRO B 67 1.75 -6.43 -10.49
C PRO B 67 0.90 -5.35 -9.84
N PHE B 68 0.44 -5.58 -8.62
CA PHE B 68 -0.36 -4.56 -7.94
C PHE B 68 0.42 -3.28 -7.70
N GLN B 69 1.70 -3.41 -7.33
CA GLN B 69 2.53 -2.24 -7.12
C GLN B 69 2.65 -1.37 -8.37
N ARG B 70 2.84 -1.97 -9.54
CA ARG B 70 2.90 -1.19 -10.77
C ARG B 70 1.62 -0.40 -11.01
N LEU B 71 0.47 -1.00 -10.73
CA LEU B 71 -0.79 -0.29 -10.91
C LEU B 71 -0.89 0.93 -10.02
N VAL B 72 -0.52 0.81 -8.75
CA VAL B 72 -0.54 1.95 -7.84
C VAL B 72 0.40 3.05 -8.32
N ARG B 73 1.63 2.70 -8.65
CA ARG B 73 2.61 3.70 -9.04
C ARG B 73 2.23 4.40 -10.34
N GLU B 74 1.48 3.73 -11.21
CA GLU B 74 0.97 4.39 -12.41
C GLU B 74 -0.11 5.43 -12.10
N ILE B 75 -1.12 5.04 -11.34
CA ILE B 75 -2.25 5.93 -11.08
C ILE B 75 -1.78 7.24 -10.44
N ALA B 76 -0.77 7.16 -9.57
CA ALA B 76 -0.25 8.35 -8.92
C ALA B 76 0.29 9.40 -9.89
N GLN B 77 0.74 9.00 -11.07
CA GLN B 77 1.30 9.98 -12.00
C GLN B 77 0.29 11.02 -12.47
N ASP B 78 -1.00 10.74 -12.41
CA ASP B 78 -1.97 11.75 -12.77
C ASP B 78 -2.02 12.90 -11.78
N PHE B 79 -1.63 12.68 -10.55
CA PHE B 79 -1.77 13.66 -9.49
C PHE B 79 -0.49 14.43 -9.19
N LYS B 80 0.67 13.77 -9.26
CA LYS B 80 1.94 14.47 -9.13
C LYS B 80 3.00 13.73 -9.93
N THR B 81 3.88 14.50 -10.54
CA THR B 81 4.77 13.97 -11.58
C THR B 81 5.82 13.01 -11.03
N ASP B 82 6.19 13.11 -9.76
CA ASP B 82 7.29 12.31 -9.25
C ASP B 82 7.11 12.07 -7.75
N LEU B 83 6.81 10.82 -7.39
CA LEU B 83 6.59 10.45 -6.00
C LEU B 83 7.32 9.16 -5.66
N ARG B 84 8.04 9.15 -4.54
CA ARG B 84 8.56 7.93 -3.95
C ARG B 84 7.51 7.30 -3.04
N PHE B 85 7.65 6.00 -2.76
CA PHE B 85 6.74 5.29 -1.88
C PHE B 85 7.47 4.50 -0.80
N GLN B 86 7.00 4.60 0.44
CA GLN B 86 7.37 3.63 1.46
C GLN B 86 6.69 2.29 1.19
N SER B 87 7.43 1.20 1.41
CA SER B 87 6.89 -0.13 1.17
C SER B 87 5.62 -0.39 1.97
N SER B 88 5.59 0.05 3.22
CA SER B 88 4.39 -0.12 4.04
C SER B 88 3.19 0.65 3.49
N ALA B 89 3.43 1.74 2.78
CA ALA B 89 2.32 2.46 2.16
C ALA B 89 1.67 1.65 1.06
N VAL B 90 2.46 1.01 0.21
CA VAL B 90 1.91 0.14 -0.82
C VAL B 90 1.17 -1.04 -0.19
N MET B 91 1.74 -1.61 0.87
CA MET B 91 1.11 -2.75 1.52
C MET B 91 -0.24 -2.40 2.12
N ALA B 92 -0.36 -1.24 2.75
CA ALA B 92 -1.64 -0.80 3.26
C ALA B 92 -2.70 -0.67 2.17
N LEU B 93 -2.32 -0.15 1.01
CA LEU B 93 -3.26 -0.07 -0.10
C LEU B 93 -3.78 -1.43 -0.53
N GLN B 94 -2.91 -2.43 -0.59
CA GLN B 94 -3.37 -3.76 -0.96
C GLN B 94 -4.32 -4.35 0.07
N GLU B 95 -3.99 -4.23 1.35
CA GLU B 95 -4.88 -4.72 2.40
C GLU B 95 -6.27 -4.10 2.31
N ALA B 96 -6.34 -2.78 2.12
CA ALA B 96 -7.62 -2.12 1.96
C ALA B 96 -8.35 -2.58 0.70
N SER B 97 -7.64 -2.70 -0.41
CA SER B 97 -8.28 -3.01 -1.68
C SER B 97 -8.90 -4.39 -1.70
N GLU B 98 -8.16 -5.41 -1.25
CA GLU B 98 -8.71 -6.75 -1.23
C GLU B 98 -9.89 -6.87 -0.28
N ALA B 99 -9.82 -6.21 0.87
CA ALA B 99 -10.94 -6.23 1.80
C ALA B 99 -12.20 -5.63 1.17
N TYR B 100 -12.05 -4.53 0.43
CA TYR B 100 -13.20 -3.92 -0.23
C TYR B 100 -13.84 -4.86 -1.26
N LEU B 101 -13.03 -5.46 -2.12
CA LEU B 101 -13.58 -6.35 -3.15
C LEU B 101 -14.27 -7.57 -2.57
N VAL B 102 -13.70 -8.18 -1.54
CA VAL B 102 -14.32 -9.36 -0.94
C VAL B 102 -15.72 -9.03 -0.43
N ALA B 103 -15.85 -7.92 0.28
CA ALA B 103 -17.16 -7.52 0.79
C ALA B 103 -18.15 -7.26 -0.33
N LEU B 104 -17.69 -6.68 -1.44
CA LEU B 104 -18.56 -6.46 -2.58
C LEU B 104 -19.07 -7.76 -3.19
N PHE B 105 -18.23 -8.79 -3.27
CA PHE B 105 -18.70 -10.07 -3.82
C PHE B 105 -19.76 -10.73 -2.97
N GLU B 106 -19.74 -10.55 -1.65
CA GLU B 106 -20.81 -11.11 -0.82
C GLU B 106 -22.16 -10.51 -1.18
N ASP B 107 -22.24 -9.19 -1.26
CA ASP B 107 -23.51 -8.55 -1.62
C ASP B 107 -23.91 -8.89 -3.05
N THR B 108 -22.95 -8.99 -3.95
CA THR B 108 -23.22 -9.45 -5.31
C THR B 108 -23.86 -10.83 -5.32
N ASN B 109 -23.35 -11.74 -4.49
CA ASN B 109 -23.89 -13.08 -4.45
C ASN B 109 -25.35 -13.10 -4.00
N LEU B 110 -25.70 -12.28 -3.00
CA LEU B 110 -27.09 -12.23 -2.55
C LEU B 110 -28.03 -11.77 -3.65
N ALA B 111 -27.62 -10.78 -4.44
CA ALA B 111 -28.45 -10.34 -5.54
C ALA B 111 -28.73 -11.44 -6.55
N ALA B 112 -27.72 -12.24 -6.87
CA ALA B 112 -27.93 -13.34 -7.81
C ALA B 112 -28.88 -14.40 -7.26
N ILE B 113 -28.73 -14.75 -5.98
CA ILE B 113 -29.64 -15.72 -5.36
C ILE B 113 -31.05 -15.18 -5.30
N HIS B 114 -31.21 -13.89 -5.00
CA HIS B 114 -32.53 -13.28 -4.98
C HIS B 114 -33.22 -13.41 -6.33
N ALA B 115 -32.48 -13.28 -7.42
CA ALA B 115 -33.03 -13.50 -8.75
C ALA B 115 -33.18 -14.97 -9.12
N LYS B 116 -32.99 -15.88 -8.17
CA LYS B 116 -33.06 -17.33 -8.39
C LYS B 116 -32.02 -17.87 -9.36
N ARG B 117 -30.92 -17.15 -9.58
CA ARG B 117 -29.79 -17.71 -10.28
C ARG B 117 -28.78 -18.30 -9.30
N VAL B 118 -27.79 -19.00 -9.84
CA VAL B 118 -26.56 -19.29 -9.11
C VAL B 118 -25.36 -18.54 -9.68
N THR B 119 -25.33 -18.27 -10.98
CA THR B 119 -24.26 -17.54 -11.63
C THR B 119 -24.38 -16.05 -11.36
N ILE B 120 -23.32 -15.44 -10.83
CA ILE B 120 -23.28 -13.98 -10.73
C ILE B 120 -22.97 -13.37 -12.10
N MET B 121 -23.54 -12.20 -12.36
CA MET B 121 -23.41 -11.48 -13.63
C MET B 121 -23.23 -9.99 -13.37
N PRO B 122 -22.74 -9.24 -14.35
CA PRO B 122 -22.43 -7.82 -14.10
C PRO B 122 -23.59 -6.99 -13.57
N LYS B 123 -24.82 -7.26 -14.02
CA LYS B 123 -25.99 -6.59 -13.47
C LYS B 123 -26.10 -6.73 -11.96
N ASP B 124 -25.58 -7.82 -11.39
CA ASP B 124 -25.60 -7.97 -9.93
C ASP B 124 -24.65 -7.01 -9.26
N ILE B 125 -23.46 -6.81 -9.81
CA ILE B 125 -22.53 -5.84 -9.26
C ILE B 125 -23.12 -4.44 -9.32
N GLN B 126 -23.73 -4.10 -10.45
CA GLN B 126 -24.32 -2.77 -10.62
C GLN B 126 -25.45 -2.52 -9.65
N LEU B 127 -26.32 -3.50 -9.43
CA LEU B 127 -27.37 -3.34 -8.42
C LEU B 127 -26.79 -3.12 -7.04
N ALA B 128 -25.80 -3.92 -6.65
CA ALA B 128 -25.22 -3.77 -5.32
C ALA B 128 -24.67 -2.38 -5.09
N ARG B 129 -23.84 -1.89 -6.02
CA ARG B 129 -23.23 -0.58 -5.87
C ARG B 129 -24.28 0.53 -5.84
N ARG B 130 -25.32 0.42 -6.67
CA ARG B 130 -26.42 1.39 -6.61
C ARG B 130 -27.12 1.41 -5.25
N ILE B 131 -27.46 0.25 -4.71
CA ILE B 131 -28.15 0.26 -3.42
C ILE B 131 -27.25 0.74 -2.29
N ARG B 132 -25.96 0.45 -2.35
CA ARG B 132 -25.04 1.03 -1.38
C ARG B 132 -24.77 2.51 -1.61
N GLY B 133 -25.33 3.09 -2.66
CA GLY B 133 -25.11 4.49 -2.96
C GLY B 133 -23.75 4.85 -3.47
N GLU B 134 -22.98 3.88 -3.95
CA GLU B 134 -21.68 4.15 -4.54
C GLU B 134 -21.84 4.62 -5.99
N ARG B 135 -21.04 5.62 -6.37
CA ARG B 135 -21.16 6.21 -7.70
C ARG B 135 -19.82 6.16 -8.43
N LYS C 17 13.53 -8.58 -35.19
CA LYS C 17 13.26 -9.89 -34.61
C LYS C 17 13.43 -9.83 -33.09
N ARG C 18 14.28 -8.90 -32.64
CA ARG C 18 14.69 -8.82 -31.25
C ARG C 18 14.80 -7.39 -30.74
N HIS C 19 14.67 -6.38 -31.60
CA HIS C 19 14.97 -5.00 -31.23
C HIS C 19 14.12 -4.54 -30.05
N ARG C 20 12.86 -4.98 -29.99
CA ARG C 20 11.90 -4.47 -29.02
C ARG C 20 10.90 -5.57 -28.67
N LYS C 21 10.30 -5.43 -27.47
CA LYS C 21 9.35 -6.42 -26.96
C LYS C 21 8.08 -5.75 -26.45
N VAL C 22 6.93 -6.37 -26.73
CA VAL C 22 5.63 -5.85 -26.29
C VAL C 22 5.44 -5.99 -24.79
N LEU C 23 4.59 -5.13 -24.23
CA LEU C 23 4.18 -5.20 -22.83
C LEU C 23 2.66 -5.12 -22.70
N ARG C 24 2.11 -5.94 -21.81
CA ARG C 24 0.70 -5.92 -21.47
C ARG C 24 0.34 -4.76 -20.56
N ASP C 25 -0.87 -4.23 -20.75
CA ASP C 25 -1.36 -3.08 -19.99
C ASP C 25 -1.56 -3.40 -18.51
N ASN C 26 -1.12 -2.48 -17.65
CA ASN C 26 -0.93 -2.77 -16.23
C ASN C 26 -2.21 -3.23 -15.53
N ILE C 27 -3.36 -2.70 -15.91
CA ILE C 27 -4.60 -3.16 -15.28
C ILE C 27 -4.88 -4.63 -15.57
N GLN C 28 -4.44 -5.13 -16.72
CA GLN C 28 -4.58 -6.56 -17.02
C GLN C 28 -3.67 -7.44 -16.18
N GLY C 29 -2.75 -6.86 -15.42
CA GLY C 29 -1.99 -7.61 -14.44
C GLY C 29 -2.80 -8.12 -13.26
N ILE C 30 -4.01 -7.60 -13.07
CA ILE C 30 -4.98 -8.23 -12.18
C ILE C 30 -5.60 -9.41 -12.91
N THR C 31 -4.98 -10.58 -12.78
CA THR C 31 -5.26 -11.73 -13.62
C THR C 31 -6.63 -12.34 -13.33
N LYS C 32 -7.14 -13.06 -14.32
CA LYS C 32 -8.37 -13.84 -14.17
C LYS C 32 -8.39 -14.77 -12.97
N PRO C 33 -7.40 -15.64 -12.74
CA PRO C 33 -7.43 -16.46 -11.53
C PRO C 33 -7.40 -15.66 -10.25
N ALA C 34 -6.72 -14.52 -10.21
CA ALA C 34 -6.74 -13.70 -9.01
C ALA C 34 -8.13 -13.21 -8.68
N ILE C 35 -8.91 -12.84 -9.69
CA ILE C 35 -10.28 -12.42 -9.44
C ILE C 35 -11.14 -13.59 -8.96
N ARG C 36 -11.00 -14.76 -9.59
CA ARG C 36 -11.72 -15.94 -9.12
C ARG C 36 -11.36 -16.26 -7.69
N ARG C 37 -10.08 -16.18 -7.37
CA ARG C 37 -9.60 -16.48 -6.02
C ARG C 37 -10.19 -15.54 -4.98
N LEU C 38 -10.36 -14.25 -5.31
CA LEU C 38 -11.11 -13.35 -4.44
C LEU C 38 -12.57 -13.74 -4.32
N ALA C 39 -13.24 -14.00 -5.45
CA ALA C 39 -14.65 -14.33 -5.42
C ALA C 39 -14.94 -15.58 -4.61
N ARG C 40 -14.04 -16.56 -4.64
CA ARG C 40 -14.21 -17.74 -3.82
C ARG C 40 -14.17 -17.43 -2.33
N ARG C 41 -13.31 -16.51 -1.89
CA ARG C 41 -13.39 -16.09 -0.49
C ARG C 41 -14.71 -15.42 -0.19
N GLY C 42 -15.29 -14.70 -1.14
CA GLY C 42 -16.63 -14.20 -0.97
C GLY C 42 -17.74 -15.24 -1.04
N GLY C 43 -17.41 -16.51 -1.25
CA GLY C 43 -18.41 -17.56 -1.30
C GLY C 43 -19.12 -17.78 -2.61
N VAL C 44 -18.63 -17.19 -3.69
CA VAL C 44 -19.28 -17.29 -5.00
C VAL C 44 -18.96 -18.63 -5.65
N LYS C 45 -19.99 -19.38 -6.00
CA LYS C 45 -19.80 -20.72 -6.59
C LYS C 45 -19.49 -20.67 -8.08
N ARG C 46 -20.26 -19.89 -8.86
CA ARG C 46 -20.21 -19.94 -10.32
C ARG C 46 -20.20 -18.53 -10.89
N ILE C 47 -19.37 -18.30 -11.92
CA ILE C 47 -19.02 -16.94 -12.36
C ILE C 47 -19.15 -16.84 -13.88
N SER C 48 -19.91 -15.84 -14.35
CA SER C 48 -20.00 -15.56 -15.77
C SER C 48 -18.79 -14.79 -16.27
N GLY C 49 -18.42 -15.05 -17.53
CA GLY C 49 -17.17 -14.57 -18.09
C GLY C 49 -17.05 -13.07 -18.29
N LEU C 50 -18.15 -12.32 -18.20
CA LEU C 50 -18.10 -10.88 -18.38
C LEU C 50 -17.53 -10.14 -17.18
N ILE C 51 -17.51 -10.77 -16.01
CA ILE C 51 -17.25 -10.08 -14.76
C ILE C 51 -15.81 -9.59 -14.62
N TYR C 52 -14.86 -10.19 -15.31
CA TYR C 52 -13.47 -9.80 -15.10
C TYR C 52 -13.23 -8.35 -15.53
N GLU C 53 -13.74 -7.94 -16.68
CA GLU C 53 -13.59 -6.54 -17.06
C GLU C 53 -14.43 -5.60 -16.20
N GLU C 54 -15.60 -6.04 -15.75
CA GLU C 54 -16.38 -5.22 -14.82
C GLU C 54 -15.62 -4.96 -13.53
N THR C 55 -14.95 -5.98 -13.00
CA THR C 55 -14.25 -5.84 -11.72
C THR C 55 -13.04 -4.92 -11.84
N ARG C 56 -12.29 -5.03 -12.92
CA ARG C 56 -11.15 -4.14 -13.12
C ARG C 56 -11.54 -2.67 -13.09
N GLY C 57 -12.68 -2.34 -13.70
CA GLY C 57 -13.17 -0.97 -13.62
C GLY C 57 -13.46 -0.51 -12.21
N VAL C 58 -14.18 -1.33 -11.45
CA VAL C 58 -14.52 -0.99 -10.07
C VAL C 58 -13.28 -0.78 -9.21
N LEU C 59 -12.30 -1.66 -9.34
CA LEU C 59 -11.06 -1.50 -8.58
C LEU C 59 -10.34 -0.20 -8.91
N LYS C 60 -10.23 0.12 -10.20
CA LYS C 60 -9.52 1.32 -10.61
C LYS C 60 -10.17 2.59 -10.05
N VAL C 61 -11.49 2.64 -10.03
CA VAL C 61 -12.19 3.76 -9.40
C VAL C 61 -11.85 3.87 -7.92
N PHE C 62 -11.77 2.75 -7.21
CA PHE C 62 -11.44 2.79 -5.79
C PHE C 62 -10.06 3.37 -5.54
N LEU C 63 -9.05 2.85 -6.24
CA LEU C 63 -7.68 3.32 -6.02
C LEU C 63 -7.51 4.80 -6.30
N GLU C 64 -8.12 5.30 -7.38
CA GLU C 64 -8.01 6.72 -7.68
C GLU C 64 -8.53 7.60 -6.55
N ASN C 65 -9.65 7.26 -5.95
CA ASN C 65 -10.19 8.07 -4.88
C ASN C 65 -9.29 8.10 -3.64
N VAL C 66 -8.66 6.98 -3.30
CA VAL C 66 -7.78 6.98 -2.13
C VAL C 66 -6.46 7.68 -2.44
N ILE C 67 -5.85 7.37 -3.57
CA ILE C 67 -4.52 7.91 -3.87
C ILE C 67 -4.58 9.43 -3.99
N ARG C 68 -5.65 9.96 -4.58
CA ARG C 68 -5.78 11.41 -4.70
C ARG C 68 -5.72 12.11 -3.34
N ASP C 69 -6.42 11.57 -2.34
CA ASP C 69 -6.34 12.14 -0.99
C ASP C 69 -4.97 11.94 -0.37
N ALA C 70 -4.41 10.73 -0.47
CA ALA C 70 -3.12 10.45 0.12
C ALA C 70 -2.04 11.42 -0.38
N VAL C 71 -1.99 11.63 -1.70
CA VAL C 71 -1.04 12.59 -2.25
C VAL C 71 -1.29 13.99 -1.72
N THR C 72 -2.55 14.36 -1.51
CA THR C 72 -2.86 15.68 -0.95
C THR C 72 -2.25 15.90 0.42
N TYR C 73 -2.31 14.90 1.30
CA TYR C 73 -1.60 15.03 2.57
C TYR C 73 -0.10 15.15 2.37
N THR C 74 0.48 14.28 1.55
CA THR C 74 1.92 14.28 1.35
C THR C 74 2.41 15.64 0.88
N GLU C 75 1.70 16.25 -0.04
CA GLU C 75 2.11 17.54 -0.58
C GLU C 75 1.96 18.68 0.42
N HIS C 76 0.90 18.68 1.21
CA HIS C 76 0.79 19.70 2.26
C HIS C 76 1.94 19.63 3.24
N ALA C 77 2.41 18.43 3.57
CA ALA C 77 3.57 18.29 4.44
C ALA C 77 4.87 18.64 3.74
N LYS C 78 4.85 18.89 2.44
CA LYS C 78 6.04 19.15 1.62
C LYS C 78 7.05 18.01 1.63
N ARG C 79 6.60 16.77 1.83
CA ARG C 79 7.45 15.62 1.59
C ARG C 79 7.43 15.24 0.11
N LYS C 80 8.28 14.28 -0.26
CA LYS C 80 8.18 13.62 -1.56
C LYS C 80 7.88 12.13 -1.50
N THR C 81 8.17 11.45 -0.40
CA THR C 81 7.66 10.09 -0.17
C THR C 81 6.23 10.12 0.32
N VAL C 82 5.37 9.34 -0.32
CA VAL C 82 4.10 8.98 0.29
C VAL C 82 4.35 8.03 1.45
N THR C 83 3.64 8.26 2.56
CA THR C 83 3.90 7.61 3.83
C THR C 83 2.67 6.83 4.27
N ALA C 84 2.90 5.73 4.99
CA ALA C 84 1.79 4.86 5.39
C ALA C 84 0.72 5.60 6.17
N MET C 85 1.12 6.57 7.00
CA MET C 85 0.15 7.42 7.69
C MET C 85 -0.74 8.18 6.71
N ASP C 86 -0.20 8.61 5.58
CA ASP C 86 -1.02 9.31 4.60
C ASP C 86 -2.15 8.41 4.09
N VAL C 87 -1.84 7.15 3.85
CA VAL C 87 -2.86 6.20 3.42
C VAL C 87 -3.88 5.99 4.52
N VAL C 88 -3.42 5.80 5.75
CA VAL C 88 -4.32 5.59 6.87
C VAL C 88 -5.27 6.78 7.06
N TYR C 89 -4.73 8.00 6.98
CA TYR C 89 -5.59 9.17 7.12
C TYR C 89 -6.57 9.30 5.95
N ALA C 90 -6.14 9.01 4.74
CA ALA C 90 -7.07 9.02 3.61
C ALA C 90 -8.18 8.01 3.79
N LEU C 91 -7.84 6.79 4.17
CA LEU C 91 -8.87 5.77 4.40
C LEU C 91 -9.82 6.16 5.51
N LYS C 92 -9.30 6.72 6.61
CA LYS C 92 -10.19 7.16 7.68
C LYS C 92 -11.13 8.26 7.24
N ARG C 93 -10.62 9.24 6.48
CA ARG C 93 -11.48 10.32 6.01
C ARG C 93 -12.63 9.79 5.16
N GLN C 94 -12.37 8.79 4.34
CA GLN C 94 -13.39 8.19 3.50
C GLN C 94 -14.24 7.15 4.23
N GLY C 95 -14.07 7.01 5.54
CA GLY C 95 -14.95 6.15 6.32
C GLY C 95 -14.62 4.67 6.31
N ARG C 96 -13.35 4.31 6.07
CA ARG C 96 -12.94 2.91 5.96
C ARG C 96 -11.74 2.65 6.88
N THR C 97 -11.92 2.90 8.18
CA THR C 97 -10.84 2.83 9.15
C THR C 97 -10.09 1.51 9.13
N LEU C 98 -8.77 1.58 9.00
CA LEU C 98 -7.87 0.43 8.93
C LEU C 98 -7.01 0.34 10.18
N TYR C 99 -7.06 -0.80 10.88
CA TYR C 99 -6.19 -1.08 12.02
C TYR C 99 -5.01 -1.93 11.61
N GLY C 100 -3.82 -1.55 12.08
CA GLY C 100 -2.66 -2.41 11.94
C GLY C 100 -1.39 -1.75 11.42
N PHE C 101 -1.49 -0.55 10.89
CA PHE C 101 -0.33 0.15 10.35
C PHE C 101 0.00 1.44 11.10
N GLY C 102 -0.81 1.85 12.05
CA GLY C 102 -0.55 3.07 12.78
C GLY C 102 -1.68 3.35 13.75
N GLY C 103 -1.66 4.54 14.34
CA GLY C 103 -2.70 4.91 15.28
C GLY C 103 -2.87 6.40 15.47
N LYS D 16 -13.28 50.76 6.46
CA LYS D 16 -12.38 50.38 7.54
C LYS D 16 -12.56 48.91 7.92
N THR D 17 -13.73 48.35 7.66
CA THR D 17 -13.96 46.95 7.99
C THR D 17 -13.08 46.05 7.14
N ARG D 18 -12.65 44.93 7.73
CA ARG D 18 -11.82 43.99 7.00
C ARG D 18 -12.55 43.40 5.80
N SER D 19 -13.86 43.19 5.89
CA SER D 19 -14.63 42.77 4.72
C SER D 19 -14.50 43.77 3.58
N SER D 20 -14.64 45.05 3.87
CA SER D 20 -14.48 46.07 2.84
C SER D 20 -13.06 46.08 2.29
N ARG D 21 -12.09 46.01 3.19
CA ARG D 21 -10.69 45.99 2.78
C ARG D 21 -10.37 44.79 1.89
N ALA D 22 -11.06 43.67 2.08
CA ALA D 22 -10.94 42.51 1.21
C ALA D 22 -11.88 42.52 0.01
N GLY D 23 -12.88 43.40 0.00
CA GLY D 23 -13.87 43.39 -1.06
C GLY D 23 -14.93 42.31 -0.99
N LEU D 24 -15.09 41.66 0.16
CA LEU D 24 -16.08 40.61 0.35
C LEU D 24 -17.38 41.21 0.87
N GLN D 25 -18.47 40.47 0.67
CA GLN D 25 -19.72 40.78 1.36
C GLN D 25 -19.85 40.09 2.73
N PHE D 26 -19.36 38.87 2.85
CA PHE D 26 -19.43 38.13 4.11
C PHE D 26 -18.58 38.76 5.22
N PRO D 27 -18.93 38.51 6.49
CA PRO D 27 -18.33 39.24 7.61
C PRO D 27 -17.04 38.64 8.14
N VAL D 28 -15.89 39.19 7.71
CA VAL D 28 -14.60 38.66 8.12
C VAL D 28 -14.41 38.73 9.63
N GLY D 29 -14.84 39.82 10.25
CA GLY D 29 -14.68 39.94 11.70
C GLY D 29 -15.41 38.87 12.49
N ARG D 30 -16.66 38.60 12.12
CA ARG D 30 -17.41 37.54 12.78
C ARG D 30 -16.77 36.17 12.57
N VAL D 31 -16.32 35.88 11.36
CA VAL D 31 -15.62 34.61 11.10
C VAL D 31 -14.38 34.48 11.96
N HIS D 32 -13.63 35.56 12.15
CA HIS D 32 -12.44 35.49 12.98
C HIS D 32 -12.75 35.16 14.43
N ARG D 33 -13.78 35.78 15.00
CA ARG D 33 -14.20 35.42 16.35
C ARG D 33 -14.56 33.94 16.48
N LEU D 34 -15.35 33.43 15.55
CA LEU D 34 -15.78 32.03 15.61
C LEU D 34 -14.61 31.06 15.53
N LEU D 35 -13.60 31.37 14.71
CA LEU D 35 -12.41 30.54 14.68
C LEU D 35 -11.66 30.52 16.01
N ARG D 36 -11.64 31.64 16.72
CA ARG D 36 -11.05 31.64 18.06
C ARG D 36 -11.84 30.78 19.04
N LYS D 37 -13.14 31.02 19.14
CA LYS D 37 -13.94 30.42 20.19
C LYS D 37 -14.19 28.93 20.00
N GLY D 38 -14.11 28.43 18.78
CA GLY D 38 -14.45 27.04 18.52
C GLY D 38 -13.44 25.99 18.97
N ASN D 39 -12.34 26.39 19.61
CA ASN D 39 -11.29 25.46 20.02
C ASN D 39 -10.68 24.68 18.87
N TYR D 40 -10.61 25.27 17.68
CA TYR D 40 -10.05 24.53 16.56
C TYR D 40 -8.53 24.42 16.66
N ALA D 41 -7.87 25.43 17.24
CA ALA D 41 -6.43 25.38 17.43
C ALA D 41 -6.02 26.41 18.47
N GLU D 42 -4.77 26.33 18.89
CA GLU D 42 -4.22 27.27 19.85
C GLU D 42 -4.18 28.69 19.33
N ARG D 43 -3.96 28.88 18.03
CA ARG D 43 -3.47 30.14 17.50
C ARG D 43 -4.01 30.28 16.07
N VAL D 44 -4.42 31.49 15.68
CA VAL D 44 -5.08 31.70 14.39
C VAL D 44 -4.40 32.80 13.59
N GLY D 45 -3.95 32.45 12.38
CA GLY D 45 -3.25 33.39 11.53
C GLY D 45 -4.18 34.40 10.87
N ALA D 46 -3.62 35.56 10.53
CA ALA D 46 -4.41 36.68 10.03
C ALA D 46 -5.08 36.40 8.69
N GLY D 47 -4.50 35.55 7.86
CA GLY D 47 -5.08 35.27 6.56
C GLY D 47 -6.24 34.29 6.57
N ALA D 48 -6.32 33.44 7.57
CA ALA D 48 -7.34 32.39 7.60
C ALA D 48 -8.77 32.89 7.46
N PRO D 49 -9.24 33.86 8.24
CA PRO D 49 -10.64 34.27 8.08
C PRO D 49 -10.94 34.89 6.73
N VAL D 50 -10.01 35.60 6.13
CA VAL D 50 -10.25 36.19 4.81
C VAL D 50 -10.46 35.09 3.77
N TYR D 51 -9.59 34.09 3.77
CA TYR D 51 -9.73 32.99 2.82
C TYR D 51 -11.05 32.25 3.03
N LEU D 52 -11.38 31.93 4.27
CA LEU D 52 -12.59 31.16 4.54
C LEU D 52 -13.86 31.91 4.19
N ALA D 53 -13.92 33.20 4.50
CA ALA D 53 -15.09 33.99 4.14
C ALA D 53 -15.33 34.01 2.63
N ALA D 54 -14.28 34.11 1.83
CA ALA D 54 -14.43 34.10 0.39
C ALA D 54 -15.05 32.80 -0.11
N VAL D 55 -14.65 31.66 0.44
CA VAL D 55 -15.20 30.38 0.02
C VAL D 55 -16.68 30.28 0.35
N LEU D 56 -17.08 30.68 1.55
CA LEU D 56 -18.49 30.61 1.91
C LEU D 56 -19.33 31.51 1.02
N GLU D 57 -18.85 32.71 0.72
CA GLU D 57 -19.56 33.59 -0.20
C GLU D 57 -19.72 32.95 -1.58
N TYR D 58 -18.66 32.34 -2.10
CA TYR D 58 -18.74 31.69 -3.39
C TYR D 58 -19.81 30.61 -3.44
N LEU D 59 -19.78 29.67 -2.51
CA LEU D 59 -20.77 28.59 -2.51
C LEU D 59 -22.19 29.09 -2.36
N THR D 60 -22.39 30.16 -1.59
CA THR D 60 -23.72 30.74 -1.47
C THR D 60 -24.22 31.27 -2.80
N ALA D 61 -23.37 32.02 -3.50
CA ALA D 61 -23.75 32.54 -4.81
C ALA D 61 -24.01 31.43 -5.81
N GLU D 62 -23.24 30.35 -5.73
CA GLU D 62 -23.42 29.24 -6.65
C GLU D 62 -24.81 28.60 -6.51
N ILE D 63 -25.27 28.36 -5.29
CA ILE D 63 -26.61 27.78 -5.12
C ILE D 63 -27.70 28.76 -5.50
N LEU D 64 -27.61 30.00 -5.02
CA LEU D 64 -28.71 30.94 -5.24
C LEU D 64 -28.96 31.22 -6.71
N GLU D 65 -27.92 31.17 -7.55
CA GLU D 65 -28.13 31.34 -8.97
C GLU D 65 -29.03 30.26 -9.55
N LEU D 66 -28.76 29.01 -9.23
CA LEU D 66 -29.57 27.91 -9.75
C LEU D 66 -30.99 27.94 -9.19
N ALA D 67 -31.13 28.24 -7.90
CA ALA D 67 -32.45 28.35 -7.30
C ALA D 67 -33.28 29.44 -7.96
N GLY D 68 -32.65 30.59 -8.25
CA GLY D 68 -33.35 31.64 -8.95
C GLY D 68 -33.86 31.23 -10.32
N ASN D 69 -33.07 30.47 -11.06
CA ASN D 69 -33.54 29.94 -12.34
C ASN D 69 -34.73 29.01 -12.19
N ALA D 70 -34.68 28.11 -11.21
CA ALA D 70 -35.81 27.21 -10.98
C ALA D 70 -37.09 27.96 -10.64
N ALA D 71 -37.00 28.99 -9.80
CA ALA D 71 -38.18 29.78 -9.49
C ALA D 71 -38.73 30.47 -10.72
N ARG D 72 -37.85 30.99 -11.57
CA ARG D 72 -38.28 31.63 -12.81
C ARG D 72 -38.93 30.64 -13.77
N ASP D 73 -38.37 29.44 -13.89
CA ASP D 73 -39.04 28.40 -14.67
C ASP D 73 -40.42 28.08 -14.12
N ASN D 74 -40.57 28.13 -12.79
CA ASN D 74 -41.85 27.90 -12.15
C ASN D 74 -42.72 29.18 -12.11
N LYS D 75 -42.24 30.27 -12.68
CA LYS D 75 -42.92 31.57 -12.72
C LYS D 75 -43.27 32.14 -11.34
N LYS D 76 -42.44 31.89 -10.34
CA LYS D 76 -42.61 32.48 -9.01
C LYS D 76 -41.50 33.51 -8.81
N THR D 77 -41.82 34.63 -8.18
CA THR D 77 -40.78 35.63 -7.92
C THR D 77 -40.01 35.40 -6.62
N ARG D 78 -40.52 34.64 -5.66
CA ARG D 78 -39.81 34.32 -4.43
C ARG D 78 -39.36 32.87 -4.40
N ILE D 79 -38.11 32.66 -4.00
CA ILE D 79 -37.57 31.32 -3.78
C ILE D 79 -38.23 30.64 -2.58
N ILE D 80 -38.54 29.36 -2.73
CA ILE D 80 -39.09 28.54 -1.65
C ILE D 80 -38.35 27.21 -1.62
N PRO D 81 -38.45 26.45 -0.52
CA PRO D 81 -37.60 25.26 -0.36
C PRO D 81 -37.66 24.26 -1.49
N ARG D 82 -38.80 24.11 -2.16
CA ARG D 82 -38.88 23.27 -3.34
C ARG D 82 -37.83 23.64 -4.38
N HIS D 83 -37.66 24.93 -4.64
CA HIS D 83 -36.67 25.37 -5.61
C HIS D 83 -35.24 25.05 -5.19
N LEU D 84 -34.94 25.07 -3.90
CA LEU D 84 -33.62 24.66 -3.45
C LEU D 84 -33.37 23.19 -3.71
N GLN D 85 -34.36 22.34 -3.45
CA GLN D 85 -34.21 20.92 -3.74
C GLN D 85 -33.98 20.66 -5.23
N LEU D 86 -34.78 21.26 -6.09
CA LEU D 86 -34.57 21.11 -7.53
C LEU D 86 -33.20 21.62 -7.97
N ALA D 87 -32.75 22.73 -7.39
CA ALA D 87 -31.43 23.25 -7.73
C ALA D 87 -30.32 22.30 -7.35
N VAL D 88 -30.38 21.71 -6.16
CA VAL D 88 -29.33 20.81 -5.72
C VAL D 88 -29.32 19.51 -6.51
N ARG D 89 -30.45 18.82 -6.58
CA ARG D 89 -30.44 17.44 -7.06
C ARG D 89 -30.19 17.33 -8.55
N ASN D 90 -30.32 18.40 -9.31
CA ASN D 90 -29.98 18.37 -10.73
C ASN D 90 -28.51 18.67 -11.05
N ASP D 91 -27.72 19.10 -10.08
CA ASP D 91 -26.28 19.35 -10.30
C ASP D 91 -25.48 18.25 -9.61
N GLU D 92 -24.65 17.55 -10.40
CA GLU D 92 -23.86 16.45 -9.88
C GLU D 92 -22.93 16.86 -8.75
N GLU D 93 -22.30 18.02 -8.83
CA GLU D 93 -21.33 18.37 -7.81
C GLU D 93 -21.98 18.84 -6.52
N LEU D 94 -23.09 19.56 -6.62
CA LEU D 94 -23.85 19.88 -5.42
C LEU D 94 -24.48 18.64 -4.81
N ASN D 95 -25.00 17.74 -5.65
CA ASN D 95 -25.57 16.51 -5.13
C ASN D 95 -24.52 15.61 -4.48
N LYS D 96 -23.28 15.66 -4.96
CA LYS D 96 -22.18 15.01 -4.24
C LYS D 96 -21.96 15.64 -2.87
N LEU D 97 -21.89 16.96 -2.82
CA LEU D 97 -21.61 17.66 -1.57
C LEU D 97 -22.72 17.49 -0.54
N LEU D 98 -23.96 17.43 -0.98
CA LEU D 98 -25.12 17.30 -0.10
C LEU D 98 -25.76 15.92 -0.17
N GLY D 99 -24.95 14.87 -0.35
CA GLY D 99 -25.49 13.55 -0.57
C GLY D 99 -26.22 12.94 0.60
N ARG D 100 -25.95 13.39 1.82
CA ARG D 100 -26.58 12.84 3.01
C ARG D 100 -27.44 13.85 3.76
N VAL D 101 -27.79 14.95 3.12
CA VAL D 101 -28.61 15.99 3.72
C VAL D 101 -30.04 15.88 3.21
N THR D 102 -31.00 15.95 4.12
CA THR D 102 -32.41 16.12 3.75
C THR D 102 -32.84 17.56 3.96
N ILE D 103 -33.63 18.08 3.03
CA ILE D 103 -34.13 19.44 3.07
C ILE D 103 -35.62 19.40 3.33
N ALA D 104 -36.06 20.01 4.42
CA ALA D 104 -37.47 20.02 4.77
C ALA D 104 -38.32 20.63 3.67
N GLN D 105 -39.52 20.08 3.49
CA GLN D 105 -40.43 20.51 2.42
C GLN D 105 -39.78 20.48 1.04
N GLY D 106 -38.87 19.55 0.81
CA GLY D 106 -38.19 19.47 -0.47
C GLY D 106 -38.92 18.70 -1.56
N GLY D 107 -39.58 17.60 -1.20
CA GLY D 107 -40.06 16.62 -2.15
C GLY D 107 -38.94 15.91 -2.90
N VAL D 108 -39.30 15.34 -4.05
CA VAL D 108 -38.38 14.55 -4.85
C VAL D 108 -38.41 14.97 -6.31
N LEU D 109 -37.40 14.53 -7.06
CA LEU D 109 -37.42 14.67 -8.51
C LEU D 109 -38.43 13.71 -9.13
N PRO D 110 -39.20 14.15 -10.13
CA PRO D 110 -40.11 13.25 -10.84
C PRO D 110 -39.36 12.20 -11.64
N ASN D 111 -39.72 10.93 -11.45
CA ASN D 111 -38.99 9.83 -12.06
C ASN D 111 -39.81 8.55 -12.00
N ILE D 112 -39.97 7.89 -13.15
CA ILE D 112 -40.69 6.62 -13.26
C ILE D 112 -39.84 5.63 -14.05
N GLN D 113 -39.72 4.40 -13.55
CA GLN D 113 -38.96 3.38 -14.24
C GLN D 113 -39.65 2.95 -15.53
N SER D 114 -38.86 2.82 -16.60
CA SER D 114 -39.42 2.57 -17.94
C SER D 114 -40.20 1.27 -18.02
N VAL D 115 -39.82 0.26 -17.23
CA VAL D 115 -40.53 -1.01 -17.21
C VAL D 115 -42.00 -0.85 -16.86
N LEU D 116 -42.32 0.14 -16.04
CA LEU D 116 -43.67 0.30 -15.52
C LEU D 116 -44.62 0.99 -16.49
N LEU D 117 -44.10 1.67 -17.50
CA LEU D 117 -44.94 2.40 -18.43
C LEU D 117 -45.79 1.46 -19.29
N PRO D 118 -46.97 1.92 -19.70
CA PRO D 118 -47.82 1.11 -20.58
C PRO D 118 -47.19 0.87 -21.93
N LYS D 119 -47.68 -0.17 -22.60
CA LYS D 119 -47.15 -0.59 -23.89
C LYS D 119 -47.40 0.46 -24.97
N LYS E 29 -36.42 40.23 23.37
CA LYS E 29 -35.42 41.15 23.88
C LYS E 29 -34.03 40.51 23.89
N THR E 30 -33.97 39.18 23.93
CA THR E 30 -32.71 38.45 23.85
C THR E 30 -32.20 38.38 22.41
N ARG E 31 -30.88 38.34 22.26
CA ARG E 31 -30.20 38.58 20.99
C ARG E 31 -29.67 37.29 20.37
N LYS E 32 -29.88 37.11 19.07
CA LYS E 32 -29.44 35.91 18.34
C LYS E 32 -28.95 36.27 16.93
N GLU E 33 -27.64 36.27 16.74
CA GLU E 33 -27.02 36.58 15.46
C GLU E 33 -27.15 35.45 14.44
N SER E 34 -27.11 35.82 13.15
CA SER E 34 -27.25 34.88 12.04
C SER E 34 -26.64 35.48 10.79
N TYR E 35 -26.52 34.66 9.75
CA TYR E 35 -25.97 35.08 8.45
C TYR E 35 -26.97 35.77 7.54
N ALA E 36 -28.18 36.04 8.01
CA ALA E 36 -29.30 36.34 7.11
C ALA E 36 -29.03 37.53 6.19
N ILE E 37 -28.52 38.65 6.72
CA ILE E 37 -28.34 39.83 5.87
C ILE E 37 -27.32 39.62 4.76
N TYR E 38 -26.29 38.84 5.01
CA TYR E 38 -25.27 38.63 3.99
C TYR E 38 -25.78 37.76 2.85
N VAL E 39 -26.57 36.75 3.17
CA VAL E 39 -27.22 35.95 2.13
C VAL E 39 -28.08 36.82 1.22
N TYR E 40 -28.85 37.73 1.82
CA TYR E 40 -29.71 38.59 1.01
C TYR E 40 -28.91 39.52 0.10
N LYS E 41 -27.80 40.07 0.58
CA LYS E 41 -26.96 40.89 -0.29
C LYS E 41 -26.40 40.12 -1.49
N VAL E 42 -25.94 38.89 -1.27
CA VAL E 42 -25.47 38.08 -2.40
C VAL E 42 -26.59 37.79 -3.38
N LEU E 43 -27.79 37.49 -2.88
CA LEU E 43 -28.92 37.25 -3.76
C LEU E 43 -29.15 38.41 -4.72
N LYS E 44 -29.14 39.64 -4.20
CA LYS E 44 -29.36 40.80 -5.05
C LYS E 44 -28.25 41.07 -6.04
N GLN E 45 -27.09 40.42 -5.93
CA GLN E 45 -26.13 40.48 -7.02
C GLN E 45 -26.47 39.55 -8.18
N VAL E 46 -26.90 38.33 -7.89
CA VAL E 46 -27.13 37.36 -8.95
C VAL E 46 -28.51 37.50 -9.59
N HIS E 47 -29.53 37.88 -8.82
CA HIS E 47 -30.89 38.03 -9.34
C HIS E 47 -31.58 39.20 -8.66
N PRO E 48 -31.44 40.41 -9.22
CA PRO E 48 -31.95 41.60 -8.53
C PRO E 48 -33.44 41.59 -8.26
N ASP E 49 -34.24 41.02 -9.15
CA ASP E 49 -35.69 41.02 -8.98
C ASP E 49 -36.22 39.97 -8.02
N THR E 50 -35.45 38.94 -7.71
CA THR E 50 -35.92 37.81 -6.93
C THR E 50 -35.98 38.12 -5.44
N GLY E 51 -36.95 37.50 -4.75
CA GLY E 51 -37.02 37.51 -3.30
C GLY E 51 -36.87 36.11 -2.73
N ILE E 52 -36.83 36.02 -1.41
CA ILE E 52 -36.69 34.73 -0.73
C ILE E 52 -37.59 34.65 0.49
N SER E 53 -38.24 33.50 0.66
CA SER E 53 -39.13 33.22 1.78
C SER E 53 -38.38 32.85 3.05
N SER E 54 -39.06 33.04 4.18
CA SER E 54 -38.46 32.82 5.49
C SER E 54 -37.93 31.40 5.70
N LYS E 55 -38.70 30.38 5.30
CA LYS E 55 -38.23 29.01 5.43
C LYS E 55 -36.96 28.76 4.62
N ALA E 56 -36.88 29.31 3.42
CA ALA E 56 -35.68 29.17 2.62
C ALA E 56 -34.46 29.83 3.27
N MET E 57 -34.65 30.97 3.91
CA MET E 57 -33.54 31.56 4.65
C MET E 57 -33.03 30.67 5.76
N SER E 58 -33.92 29.98 6.47
CA SER E 58 -33.48 29.05 7.50
C SER E 58 -32.62 27.93 6.93
N ILE E 59 -32.98 27.41 5.77
CA ILE E 59 -32.15 26.40 5.12
C ILE E 59 -30.79 26.96 4.74
N MET E 60 -30.76 28.14 4.12
CA MET E 60 -29.48 28.75 3.77
C MET E 60 -28.59 28.98 4.98
N ASN E 61 -29.17 29.45 6.09
CA ASN E 61 -28.38 29.60 7.30
C ASN E 61 -27.80 28.27 7.77
N SER E 62 -28.60 27.22 7.74
CA SER E 62 -28.12 25.89 8.11
C SER E 62 -26.96 25.43 7.23
N PHE E 63 -27.09 25.65 5.92
CA PHE E 63 -26.07 25.25 4.97
C PHE E 63 -24.74 25.93 5.25
N VAL E 64 -24.76 27.24 5.47
CA VAL E 64 -23.51 27.96 5.77
C VAL E 64 -22.86 27.43 7.03
N ASN E 65 -23.63 27.25 8.09
CA ASN E 65 -23.08 26.71 9.33
C ASN E 65 -22.48 25.33 9.13
N ASP E 66 -23.15 24.47 8.37
CA ASP E 66 -22.67 23.11 8.16
C ASP E 66 -21.35 23.09 7.42
N VAL E 67 -21.22 23.87 6.36
CA VAL E 67 -19.98 23.92 5.61
C VAL E 67 -18.84 24.49 6.45
N PHE E 68 -19.13 25.48 7.28
CA PHE E 68 -18.11 26.04 8.16
C PHE E 68 -17.50 24.99 9.07
N GLU E 69 -18.34 24.16 9.70
CA GLU E 69 -17.83 23.10 10.57
C GLU E 69 -16.94 22.11 9.84
N ARG E 70 -17.34 21.70 8.64
CA ARG E 70 -16.52 20.73 7.90
C ARG E 70 -15.13 21.26 7.63
N ILE E 71 -15.02 22.47 7.11
CA ILE E 71 -13.72 23.01 6.74
C ILE E 71 -12.85 23.23 7.97
N ALA E 72 -13.42 23.83 9.02
CA ALA E 72 -12.64 24.08 10.22
C ALA E 72 -12.19 22.79 10.88
N GLY E 73 -13.03 21.76 10.85
CA GLY E 73 -12.62 20.46 11.38
C GLY E 73 -11.40 19.88 10.69
N GLU E 74 -11.38 19.90 9.37
CA GLU E 74 -10.20 19.41 8.65
C GLU E 74 -8.97 20.27 8.89
N ALA E 75 -9.12 21.58 8.87
CA ALA E 75 -8.00 22.45 9.15
C ALA E 75 -7.38 22.16 10.51
N SER E 76 -8.22 21.89 11.50
CA SER E 76 -7.71 21.52 12.82
C SER E 76 -6.87 20.25 12.78
N ARG E 77 -7.42 19.18 12.19
CA ARG E 77 -6.68 17.93 12.09
C ARG E 77 -5.36 18.08 11.35
N LEU E 78 -5.36 18.80 10.23
CA LEU E 78 -4.12 19.00 9.49
C LEU E 78 -3.03 19.64 10.33
N ALA E 79 -3.38 20.66 11.10
CA ALA E 79 -2.39 21.28 11.97
C ALA E 79 -1.89 20.31 13.02
N HIS E 80 -2.79 19.52 13.59
CA HIS E 80 -2.41 18.54 14.59
C HIS E 80 -1.48 17.45 14.05
N TYR E 81 -1.81 16.89 12.89
CA TYR E 81 -0.94 15.87 12.30
C TYR E 81 0.47 16.38 12.04
N ASN E 82 0.62 17.65 11.68
CA ASN E 82 1.93 18.24 11.43
C ASN E 82 2.55 18.90 12.66
N LYS E 83 1.94 18.75 13.83
CA LYS E 83 2.47 19.30 15.07
C LYS E 83 2.65 20.82 15.02
N ARG E 84 1.72 21.49 14.35
CA ARG E 84 1.76 22.92 14.12
C ARG E 84 0.73 23.58 15.03
N SER E 85 1.13 24.65 15.74
CA SER E 85 0.18 25.31 16.64
C SER E 85 -0.84 26.20 15.93
N THR E 86 -0.52 26.75 14.77
CA THR E 86 -1.32 27.81 14.15
C THR E 86 -2.12 27.27 12.96
N ILE E 87 -3.41 27.62 12.90
CA ILE E 87 -4.16 27.49 11.66
C ILE E 87 -3.86 28.67 10.75
N THR E 88 -3.53 28.38 9.48
CA THR E 88 -3.19 29.40 8.51
C THR E 88 -3.91 29.11 7.20
N SER E 89 -3.78 30.06 6.26
CA SER E 89 -4.41 29.91 4.95
C SER E 89 -4.03 28.63 4.22
N ARG E 90 -2.82 28.11 4.43
CA ARG E 90 -2.47 26.80 3.87
C ARG E 90 -3.42 25.71 4.34
N GLU E 91 -3.77 25.70 5.63
CA GLU E 91 -4.66 24.66 6.11
C GLU E 91 -6.07 24.82 5.54
N ILE E 92 -6.54 26.05 5.40
CA ILE E 92 -7.83 26.26 4.76
C ILE E 92 -7.81 25.78 3.32
N GLN E 93 -6.75 26.08 2.59
CA GLN E 93 -6.68 25.72 1.18
C GLN E 93 -6.70 24.20 0.98
N THR E 94 -5.89 23.46 1.72
CA THR E 94 -5.90 22.02 1.51
C THR E 94 -7.12 21.34 2.12
N ALA E 95 -7.69 21.91 3.17
CA ALA E 95 -9.00 21.45 3.62
C ALA E 95 -10.05 21.59 2.54
N VAL E 96 -10.06 22.72 1.83
CA VAL E 96 -10.99 22.89 0.73
C VAL E 96 -10.80 21.82 -0.33
N ARG E 97 -9.56 21.58 -0.75
CA ARG E 97 -9.32 20.59 -1.78
C ARG E 97 -9.63 19.16 -1.35
N LEU E 98 -9.61 18.87 -0.06
CA LEU E 98 -10.06 17.56 0.38
C LEU E 98 -11.57 17.41 0.36
N LEU E 99 -12.32 18.48 0.62
CA LEU E 99 -13.75 18.35 0.84
C LEU E 99 -14.60 18.54 -0.41
N LEU E 100 -14.28 19.52 -1.25
CA LEU E 100 -15.16 19.84 -2.38
C LEU E 100 -14.87 18.94 -3.59
N PRO E 101 -15.91 18.56 -4.33
CA PRO E 101 -15.72 17.83 -5.58
C PRO E 101 -15.16 18.68 -6.71
N GLY E 102 -14.45 18.02 -7.61
CA GLY E 102 -14.25 18.43 -8.99
C GLY E 102 -13.93 19.87 -9.29
N GLU E 103 -14.70 20.49 -10.19
CA GLU E 103 -14.44 21.88 -10.55
C GLU E 103 -14.90 22.85 -9.47
N LEU E 104 -15.86 22.44 -8.65
CA LEU E 104 -16.30 23.28 -7.56
C LEU E 104 -15.13 23.63 -6.64
N ALA E 105 -14.22 22.70 -6.42
CA ALA E 105 -12.99 22.99 -5.68
C ALA E 105 -12.10 23.99 -6.40
N LYS E 106 -11.93 23.84 -7.72
CA LYS E 106 -11.04 24.74 -8.46
C LYS E 106 -11.48 26.19 -8.40
N HIS E 107 -12.76 26.44 -8.59
CA HIS E 107 -13.27 27.80 -8.44
C HIS E 107 -13.10 28.34 -7.03
N ALA E 108 -13.46 27.53 -6.03
CA ALA E 108 -13.34 27.96 -4.65
C ALA E 108 -11.91 28.38 -4.30
N VAL E 109 -10.93 27.58 -4.71
CA VAL E 109 -9.53 27.93 -4.49
C VAL E 109 -9.17 29.25 -5.16
N SER E 110 -9.62 29.45 -6.39
CA SER E 110 -9.34 30.68 -7.10
C SER E 110 -9.92 31.90 -6.39
N GLU E 111 -11.13 31.80 -5.86
CA GLU E 111 -11.71 32.91 -5.11
C GLU E 111 -10.91 33.22 -3.85
N GLY E 112 -10.48 32.19 -3.12
CA GLY E 112 -9.72 32.42 -1.90
C GLY E 112 -8.44 33.19 -2.11
N THR E 113 -7.57 32.70 -2.99
CA THR E 113 -6.29 33.35 -3.20
C THR E 113 -6.43 34.76 -3.75
N LYS E 114 -7.44 34.99 -4.59
CA LYS E 114 -7.73 36.33 -5.07
C LYS E 114 -8.08 37.28 -3.94
N ALA E 115 -9.01 36.88 -3.07
CA ALA E 115 -9.42 37.73 -1.96
C ALA E 115 -8.26 38.06 -1.01
N VAL E 116 -7.46 37.06 -0.65
CA VAL E 116 -6.31 37.30 0.22
C VAL E 116 -5.31 38.23 -0.44
N THR E 117 -5.07 38.07 -1.74
CA THR E 117 -4.16 38.97 -2.44
C THR E 117 -4.61 40.42 -2.36
N LYS E 118 -5.89 40.68 -2.62
CA LYS E 118 -6.41 42.04 -2.46
C LYS E 118 -6.25 42.55 -1.03
N TYR E 119 -6.66 41.75 -0.05
CA TYR E 119 -6.59 42.18 1.34
C TYR E 119 -5.17 42.55 1.77
N THR E 120 -4.19 41.74 1.40
CA THR E 120 -2.82 42.04 1.80
C THR E 120 -2.20 43.13 0.93
N SER E 121 -2.69 43.34 -0.29
CA SER E 121 -2.23 44.47 -1.08
C SER E 121 -2.74 45.79 -0.50
N ALA E 122 -4.02 45.83 -0.14
CA ALA E 122 -4.53 46.93 0.66
C ALA E 122 -3.92 46.92 2.07
N LYS E 123 -4.18 47.98 2.81
CA LYS E 123 -3.79 48.05 4.21
C LYS E 123 -4.65 49.06 4.97
N PRO F 39 -71.12 2.33 -16.48
CA PRO F 39 -70.31 1.11 -16.42
C PRO F 39 -68.84 1.36 -16.69
N HIS F 40 -68.47 2.60 -17.01
CA HIS F 40 -67.09 2.92 -17.37
C HIS F 40 -66.12 2.64 -16.24
N ARG F 41 -65.02 1.96 -16.56
CA ARG F 41 -63.92 1.71 -15.64
C ARG F 41 -62.61 1.95 -16.35
N TYR F 42 -61.67 2.62 -15.67
CA TYR F 42 -60.27 2.57 -16.09
C TYR F 42 -59.67 1.19 -15.85
N ARG F 43 -58.77 0.78 -16.73
CA ARG F 43 -58.19 -0.54 -16.59
C ARG F 43 -57.03 -0.55 -15.60
N PRO F 44 -56.78 -1.70 -14.96
CA PRO F 44 -55.85 -1.73 -13.82
C PRO F 44 -54.46 -1.21 -14.16
N GLY F 45 -53.90 -0.45 -13.24
CA GLY F 45 -52.59 0.14 -13.38
C GLY F 45 -52.56 1.54 -13.95
N THR F 46 -53.65 2.01 -14.56
CA THR F 46 -53.62 3.34 -15.15
C THR F 46 -53.68 4.43 -14.09
N VAL F 47 -54.68 4.38 -13.21
CA VAL F 47 -54.76 5.38 -12.15
C VAL F 47 -53.62 5.24 -11.15
N ALA F 48 -53.06 4.05 -10.99
CA ALA F 48 -51.85 3.91 -10.19
C ALA F 48 -50.71 4.77 -10.73
N LEU F 49 -50.60 4.92 -12.04
CA LEU F 49 -49.61 5.83 -12.59
C LEU F 49 -49.94 7.30 -12.32
N ARG F 50 -51.22 7.67 -12.43
CA ARG F 50 -51.59 9.05 -12.14
C ARG F 50 -51.27 9.44 -10.70
N GLU F 51 -51.45 8.52 -9.76
CA GLU F 51 -51.01 8.77 -8.39
C GLU F 51 -49.52 9.04 -8.30
N ILE F 52 -48.69 8.25 -8.99
CA ILE F 52 -47.25 8.50 -8.96
C ILE F 52 -46.92 9.90 -9.45
N ARG F 53 -47.48 10.29 -10.59
CA ARG F 53 -47.22 11.63 -11.11
C ARG F 53 -47.68 12.72 -10.18
N ARG F 54 -48.81 12.52 -9.51
CA ARG F 54 -49.30 13.49 -8.53
C ARG F 54 -48.37 13.62 -7.33
N TYR F 55 -48.14 12.53 -6.60
CA TYR F 55 -47.41 12.62 -5.35
C TYR F 55 -45.92 12.89 -5.51
N GLN F 56 -45.36 12.68 -6.69
CA GLN F 56 -44.01 13.15 -6.92
C GLN F 56 -43.94 14.65 -7.18
N LYS F 57 -45.02 15.26 -7.64
CA LYS F 57 -45.02 16.70 -7.86
C LYS F 57 -45.33 17.50 -6.60
N SER F 58 -46.22 17.00 -5.74
CA SER F 58 -46.56 17.69 -4.50
C SER F 58 -45.44 17.63 -3.47
N THR F 59 -45.53 18.53 -2.48
CA THR F 59 -44.54 18.68 -1.43
C THR F 59 -45.05 18.32 -0.03
N GLU F 60 -46.35 18.05 0.11
CA GLU F 60 -46.97 17.84 1.41
C GLU F 60 -46.41 16.64 2.17
N LEU F 61 -46.58 16.67 3.48
CA LEU F 61 -46.49 15.49 4.33
C LEU F 61 -47.68 14.56 4.11
N LEU F 62 -47.43 13.25 4.18
CA LEU F 62 -48.40 12.26 3.74
C LEU F 62 -48.99 11.42 4.86
N ILE F 63 -48.40 11.40 6.04
CA ILE F 63 -48.97 10.75 7.21
C ILE F 63 -49.86 11.72 7.98
N ARG F 64 -50.91 11.18 8.58
CA ARG F 64 -51.85 11.97 9.36
C ARG F 64 -51.21 12.39 10.68
N LYS F 65 -51.34 13.68 11.03
CA LYS F 65 -50.46 14.27 12.05
C LYS F 65 -50.77 13.79 13.47
N LEU F 66 -52.01 13.90 13.93
CA LEU F 66 -52.30 13.47 15.29
C LEU F 66 -51.98 12.01 15.55
N PRO F 67 -52.32 11.05 14.69
CA PRO F 67 -51.86 9.67 14.92
C PRO F 67 -50.36 9.54 15.06
N PHE F 68 -49.59 10.24 14.23
CA PHE F 68 -48.14 10.17 14.36
C PHE F 68 -47.65 10.73 15.69
N GLN F 69 -48.23 11.83 16.15
CA GLN F 69 -47.80 12.39 17.43
C GLN F 69 -48.03 11.43 18.59
N ARG F 70 -49.17 10.75 18.62
CA ARG F 70 -49.39 9.77 19.68
C ARG F 70 -48.34 8.68 19.69
N LEU F 71 -47.94 8.21 18.52
CA LEU F 71 -46.89 7.18 18.44
C LEU F 71 -45.57 7.67 19.02
N VAL F 72 -45.17 8.90 18.72
CA VAL F 72 -43.92 9.44 19.27
C VAL F 72 -43.96 9.47 20.79
N ARG F 73 -45.04 10.00 21.36
CA ARG F 73 -45.15 10.06 22.81
C ARG F 73 -45.14 8.68 23.45
N GLU F 74 -45.76 7.70 22.79
CA GLU F 74 -45.75 6.33 23.30
C GLU F 74 -44.36 5.72 23.36
N ILE F 75 -43.55 5.91 22.33
CA ILE F 75 -42.19 5.37 22.35
C ILE F 75 -41.36 6.02 23.44
N ALA F 76 -41.45 7.34 23.57
CA ALA F 76 -40.67 8.05 24.59
C ALA F 76 -41.03 7.60 25.99
N GLN F 77 -42.28 7.18 26.19
CA GLN F 77 -42.79 6.73 27.48
C GLN F 77 -41.93 5.65 28.12
N ASP F 78 -41.19 4.88 27.32
CA ASP F 78 -40.31 3.85 27.87
C ASP F 78 -39.02 4.41 28.44
N PHE F 79 -38.51 5.52 27.91
CA PHE F 79 -37.21 6.01 28.32
C PHE F 79 -37.25 6.99 29.49
N LYS F 80 -38.29 7.81 29.58
CA LYS F 80 -38.48 8.69 30.74
C LYS F 80 -39.96 8.98 30.92
N THR F 81 -40.36 9.11 32.18
CA THR F 81 -41.74 9.45 32.50
C THR F 81 -41.98 10.96 32.48
N ASP F 82 -43.18 11.35 32.01
CA ASP F 82 -43.64 12.74 32.00
C ASP F 82 -42.71 13.70 31.25
N LEU F 83 -42.29 13.30 30.06
CA LEU F 83 -41.67 14.23 29.12
C LEU F 83 -42.70 15.21 28.55
N ARG F 84 -42.19 16.36 28.12
CA ARG F 84 -42.95 17.34 27.35
C ARG F 84 -42.22 17.61 26.04
N PHE F 85 -42.96 17.93 24.98
CA PHE F 85 -42.39 18.16 23.66
C PHE F 85 -42.66 19.55 23.13
N GLN F 86 -41.62 20.22 22.65
CA GLN F 86 -41.82 21.38 21.78
C GLN F 86 -42.54 20.97 20.51
N SER F 87 -43.46 21.81 20.06
CA SER F 87 -44.26 21.50 18.88
C SER F 87 -43.39 21.22 17.66
N SER F 88 -42.37 22.04 17.43
CA SER F 88 -41.49 21.82 16.28
C SER F 88 -40.66 20.55 16.39
N ALA F 89 -40.46 20.02 17.59
CA ALA F 89 -39.73 18.76 17.71
C ALA F 89 -40.49 17.61 17.08
N VAL F 90 -41.81 17.57 17.23
CA VAL F 90 -42.59 16.52 16.58
C VAL F 90 -42.56 16.67 15.06
N MET F 91 -42.62 17.90 14.55
CA MET F 91 -42.52 18.10 13.12
C MET F 91 -41.17 17.63 12.58
N ALA F 92 -40.09 17.93 13.28
CA ALA F 92 -38.78 17.46 12.84
C ALA F 92 -38.71 15.94 12.77
N LEU F 93 -39.25 15.24 13.77
CA LEU F 93 -39.29 13.79 13.71
C LEU F 93 -40.09 13.29 12.51
N GLN F 94 -41.23 13.89 12.22
CA GLN F 94 -42.04 13.43 11.10
C GLN F 94 -41.34 13.64 9.76
N GLU F 95 -40.74 14.81 9.56
CA GLU F 95 -40.01 15.07 8.33
C GLU F 95 -38.89 14.06 8.11
N ALA F 96 -38.10 13.79 9.14
CA ALA F 96 -37.03 12.81 9.01
C ALA F 96 -37.56 11.41 8.72
N SER F 97 -38.60 10.99 9.44
CA SER F 97 -39.13 9.64 9.27
C SER F 97 -39.71 9.42 7.88
N GLU F 98 -40.50 10.37 7.40
CA GLU F 98 -41.10 10.24 6.08
C GLU F 98 -40.04 10.17 5.00
N ALA F 99 -39.02 11.02 5.08
CA ALA F 99 -37.95 10.99 4.09
C ALA F 99 -37.21 9.65 4.09
N TYR F 100 -37.06 9.03 5.26
CA TYR F 100 -36.42 7.71 5.33
C TYR F 100 -37.22 6.65 4.58
N LEU F 101 -38.52 6.56 4.85
CA LEU F 101 -39.33 5.53 4.19
C LEU F 101 -39.44 5.73 2.69
N VAL F 102 -39.61 6.97 2.23
CA VAL F 102 -39.70 7.22 0.80
C VAL F 102 -38.44 6.75 0.08
N ALA F 103 -37.28 7.03 0.64
CA ALA F 103 -36.05 6.55 0.04
C ALA F 103 -35.96 5.03 0.04
N LEU F 104 -36.40 4.38 1.11
CA LEU F 104 -36.36 2.93 1.18
C LEU F 104 -37.23 2.27 0.09
N PHE F 105 -38.40 2.84 -0.19
CA PHE F 105 -39.24 2.27 -1.25
C PHE F 105 -38.60 2.35 -2.62
N GLU F 106 -37.76 3.35 -2.89
CA GLU F 106 -37.05 3.37 -4.16
C GLU F 106 -36.13 2.17 -4.30
N ASP F 107 -35.25 1.95 -3.32
CA ASP F 107 -34.36 0.79 -3.40
C ASP F 107 -35.12 -0.52 -3.41
N THR F 108 -36.25 -0.59 -2.72
CA THR F 108 -37.10 -1.77 -2.78
C THR F 108 -37.63 -2.01 -4.18
N ASN F 109 -38.00 -0.95 -4.89
CA ASN F 109 -38.51 -1.08 -6.24
C ASN F 109 -37.46 -1.65 -7.19
N LEU F 110 -36.21 -1.20 -7.07
CA LEU F 110 -35.13 -1.75 -7.87
C LEU F 110 -34.95 -3.25 -7.63
N ALA F 111 -34.99 -3.67 -6.37
CA ALA F 111 -34.83 -5.09 -6.07
C ALA F 111 -35.95 -5.95 -6.66
N ALA F 112 -37.16 -5.43 -6.72
CA ALA F 112 -38.25 -6.18 -7.34
C ALA F 112 -38.07 -6.30 -8.85
N ILE F 113 -37.67 -5.22 -9.51
CA ILE F 113 -37.46 -5.25 -10.95
C ILE F 113 -36.32 -6.18 -11.31
N HIS F 114 -35.28 -6.24 -10.48
CA HIS F 114 -34.16 -7.14 -10.75
C HIS F 114 -34.61 -8.59 -10.86
N ALA F 115 -35.59 -8.99 -10.07
CA ALA F 115 -36.17 -10.32 -10.15
C ALA F 115 -37.18 -10.48 -11.28
N LYS F 116 -37.29 -9.50 -12.18
CA LYS F 116 -38.28 -9.48 -13.26
C LYS F 116 -39.72 -9.48 -12.77
N ARG F 117 -39.99 -9.05 -11.55
CA ARG F 117 -41.35 -8.86 -11.07
C ARG F 117 -41.70 -7.38 -11.20
N VAL F 118 -42.96 -7.04 -10.92
CA VAL F 118 -43.37 -5.65 -10.74
C VAL F 118 -44.05 -5.39 -9.41
N THR F 119 -44.41 -6.43 -8.66
CA THR F 119 -45.04 -6.30 -7.35
C THR F 119 -43.97 -6.38 -6.27
N ILE F 120 -43.88 -5.35 -5.42
CA ILE F 120 -42.94 -5.42 -4.29
C ILE F 120 -43.47 -6.36 -3.22
N MET F 121 -42.55 -7.06 -2.56
CA MET F 121 -42.85 -8.09 -1.58
C MET F 121 -41.82 -8.01 -0.45
N PRO F 122 -42.15 -8.53 0.73
CA PRO F 122 -41.27 -8.31 1.90
C PRO F 122 -39.84 -8.74 1.69
N LYS F 123 -39.61 -9.82 0.95
CA LYS F 123 -38.26 -10.26 0.63
C LYS F 123 -37.44 -9.16 -0.04
N ASP F 124 -38.08 -8.26 -0.79
CA ASP F 124 -37.34 -7.15 -1.38
C ASP F 124 -36.85 -6.17 -0.33
N ILE F 125 -37.70 -5.85 0.66
CA ILE F 125 -37.27 -4.96 1.74
C ILE F 125 -36.12 -5.57 2.52
N GLN F 126 -36.23 -6.85 2.83
CA GLN F 126 -35.19 -7.53 3.59
C GLN F 126 -33.86 -7.56 2.84
N LEU F 127 -33.89 -7.71 1.52
CA LEU F 127 -32.66 -7.58 0.75
C LEU F 127 -32.10 -6.17 0.80
N ALA F 128 -32.95 -5.17 0.57
CA ALA F 128 -32.48 -3.78 0.53
C ALA F 128 -31.79 -3.39 1.82
N ARG F 129 -32.44 -3.65 2.96
CA ARG F 129 -31.84 -3.33 4.25
C ARG F 129 -30.57 -4.12 4.54
N ARG F 130 -30.46 -5.35 4.03
CA ARG F 130 -29.21 -6.09 4.17
C ARG F 130 -28.08 -5.49 3.35
N ILE F 131 -28.32 -5.18 2.08
CA ILE F 131 -27.25 -4.64 1.24
C ILE F 131 -26.82 -3.26 1.75
N ARG F 132 -27.76 -2.44 2.21
CA ARG F 132 -27.41 -1.18 2.84
C ARG F 132 -26.53 -1.34 4.07
N GLY F 133 -26.58 -2.51 4.72
CA GLY F 133 -25.95 -2.69 6.00
C GLY F 133 -26.75 -2.19 7.19
N GLU F 134 -28.04 -1.92 7.01
CA GLU F 134 -28.92 -1.63 8.14
C GLU F 134 -29.31 -2.88 8.91
N ARG F 135 -29.58 -3.97 8.20
CA ARG F 135 -30.02 -5.23 8.80
C ARG F 135 -28.83 -6.01 9.35
N ALA F 136 -28.21 -5.41 10.36
CA ALA F 136 -27.09 -6.03 11.07
C ALA F 136 -27.50 -7.35 11.71
N LYS G 21 -53.55 8.68 30.62
CA LYS G 21 -52.19 9.15 30.82
C LYS G 21 -51.17 8.08 30.44
N VAL G 22 -51.64 6.96 29.90
CA VAL G 22 -50.78 5.90 29.38
C VAL G 22 -51.20 5.59 27.95
N LEU G 23 -50.20 5.44 27.07
CA LEU G 23 -50.40 5.22 25.65
C LEU G 23 -50.15 3.77 25.24
N ARG G 24 -51.00 3.26 24.34
CA ARG G 24 -50.87 1.91 23.82
C ARG G 24 -51.40 1.80 22.39
N ASP G 25 -51.02 0.73 21.71
CA ASP G 25 -51.63 0.23 20.47
C ASP G 25 -51.53 1.09 19.21
N ASN G 26 -51.27 2.38 19.33
CA ASN G 26 -51.49 3.31 18.24
C ASN G 26 -50.46 3.24 17.10
N ILE G 27 -49.55 2.26 17.09
CA ILE G 27 -48.79 1.96 15.87
C ILE G 27 -49.71 1.60 14.71
N GLN G 28 -50.86 0.99 14.99
CA GLN G 28 -51.87 0.74 13.97
C GLN G 28 -52.55 2.00 13.46
N GLY G 29 -52.23 3.16 14.02
CA GLY G 29 -52.65 4.43 13.44
C GLY G 29 -51.91 4.81 12.17
N ILE G 30 -50.82 4.14 11.85
CA ILE G 30 -50.18 4.30 10.54
C ILE G 30 -50.94 3.46 9.52
N THR G 31 -51.97 4.03 8.92
CA THR G 31 -52.97 3.28 8.19
C THR G 31 -52.44 2.76 6.87
N LYS G 32 -53.15 1.78 6.32
CA LYS G 32 -52.88 1.20 5.01
C LYS G 32 -52.78 2.23 3.89
N PRO G 33 -53.79 3.09 3.67
CA PRO G 33 -53.64 4.07 2.57
C PRO G 33 -52.52 5.05 2.79
N ALA G 34 -52.20 5.40 4.03
CA ALA G 34 -51.05 6.26 4.28
C ALA G 34 -49.76 5.63 3.80
N ILE G 35 -49.58 4.34 4.02
CA ILE G 35 -48.39 3.65 3.51
C ILE G 35 -48.37 3.64 1.99
N ARG G 36 -49.52 3.45 1.35
CA ARG G 36 -49.57 3.48 -0.10
C ARG G 36 -49.12 4.83 -0.67
N ARG G 37 -49.54 5.93 -0.05
CA ARG G 37 -49.07 7.24 -0.51
C ARG G 37 -47.55 7.35 -0.48
N LEU G 38 -46.90 6.85 0.57
CA LEU G 38 -45.44 6.86 0.59
C LEU G 38 -44.86 6.06 -0.55
N ALA G 39 -45.40 4.87 -0.80
CA ALA G 39 -44.91 4.05 -1.90
C ALA G 39 -45.13 4.68 -3.26
N ARG G 40 -46.24 5.39 -3.44
CA ARG G 40 -46.46 6.10 -4.70
C ARG G 40 -45.43 7.19 -4.93
N ARG G 41 -45.11 7.98 -3.91
CA ARG G 41 -44.04 8.97 -4.07
C ARG G 41 -42.72 8.29 -4.42
N GLY G 42 -42.48 7.12 -3.85
CA GLY G 42 -41.33 6.32 -4.24
C GLY G 42 -41.41 5.68 -5.61
N GLY G 43 -42.52 5.78 -6.31
CA GLY G 43 -42.64 5.24 -7.65
C GLY G 43 -43.06 3.79 -7.77
N VAL G 44 -43.60 3.20 -6.71
CA VAL G 44 -44.02 1.80 -6.71
C VAL G 44 -45.39 1.63 -7.34
N LYS G 45 -45.50 0.71 -8.30
CA LYS G 45 -46.76 0.49 -9.02
C LYS G 45 -47.71 -0.52 -8.37
N ARG G 46 -47.22 -1.67 -7.90
CA ARG G 46 -48.06 -2.69 -7.28
C ARG G 46 -47.49 -3.14 -5.94
N ILE G 47 -48.37 -3.36 -4.96
CA ILE G 47 -47.96 -3.62 -3.59
C ILE G 47 -48.59 -4.91 -3.09
N SER G 48 -47.77 -5.89 -2.71
CA SER G 48 -48.27 -7.11 -2.09
C SER G 48 -48.77 -6.86 -0.68
N GLY G 49 -49.88 -7.52 -0.33
CA GLY G 49 -50.59 -7.28 0.92
C GLY G 49 -49.79 -7.54 2.20
N LEU G 50 -48.66 -8.22 2.12
CA LEU G 50 -47.82 -8.41 3.30
C LEU G 50 -46.98 -7.20 3.66
N ILE G 51 -46.83 -6.23 2.76
CA ILE G 51 -45.90 -5.12 2.95
C ILE G 51 -46.26 -4.26 4.15
N TYR G 52 -47.55 -4.15 4.48
CA TYR G 52 -47.97 -3.20 5.49
C TYR G 52 -47.42 -3.51 6.87
N GLU G 53 -47.57 -4.75 7.34
CA GLU G 53 -47.00 -5.08 8.64
C GLU G 53 -45.47 -5.09 8.63
N GLU G 54 -44.86 -5.43 7.51
CA GLU G 54 -43.41 -5.30 7.42
C GLU G 54 -42.97 -3.85 7.56
N THR G 55 -43.71 -2.92 6.94
CA THR G 55 -43.35 -1.51 7.03
C THR G 55 -43.49 -0.97 8.45
N ARG G 56 -44.59 -1.28 9.12
CA ARG G 56 -44.78 -0.81 10.48
C ARG G 56 -43.68 -1.30 11.42
N GLY G 57 -43.18 -2.51 11.20
CA GLY G 57 -42.02 -2.96 11.94
C GLY G 57 -40.79 -2.08 11.73
N VAL G 58 -40.47 -1.79 10.47
CA VAL G 58 -39.30 -0.98 10.16
C VAL G 58 -39.40 0.43 10.72
N LEU G 59 -40.57 1.06 10.61
CA LEU G 59 -40.73 2.41 11.14
C LEU G 59 -40.49 2.47 12.64
N LYS G 60 -41.06 1.53 13.39
CA LYS G 60 -40.92 1.55 14.84
C LYS G 60 -39.47 1.43 15.29
N VAL G 61 -38.68 0.59 14.62
CA VAL G 61 -37.26 0.49 14.92
C VAL G 61 -36.53 1.80 14.67
N PHE G 62 -36.88 2.52 13.60
CA PHE G 62 -36.22 3.79 13.32
C PHE G 62 -36.48 4.82 14.42
N LEU G 63 -37.75 5.01 14.78
CA LEU G 63 -38.09 6.02 15.78
C LEU G 63 -37.43 5.76 17.12
N GLU G 64 -37.39 4.51 17.57
CA GLU G 64 -36.78 4.19 18.85
C GLU G 64 -35.33 4.65 18.93
N ASN G 65 -34.56 4.44 17.88
CA ASN G 65 -33.15 4.83 17.94
C ASN G 65 -32.96 6.34 17.98
N VAL G 66 -33.76 7.10 17.25
CA VAL G 66 -33.65 8.56 17.31
C VAL G 66 -34.10 9.09 18.67
N ILE G 67 -35.25 8.63 19.15
CA ILE G 67 -35.81 9.17 20.38
C ILE G 67 -34.91 8.86 21.57
N ARG G 68 -34.27 7.70 21.57
CA ARG G 68 -33.32 7.36 22.63
C ARG G 68 -32.26 8.44 22.80
N ASP G 69 -31.68 8.91 21.70
CA ASP G 69 -30.64 9.93 21.78
C ASP G 69 -31.18 11.30 22.14
N ALA G 70 -32.31 11.69 21.57
CA ALA G 70 -32.90 12.98 21.90
C ALA G 70 -33.22 13.10 23.37
N VAL G 71 -33.73 12.03 23.98
CA VAL G 71 -33.94 12.04 25.42
C VAL G 71 -32.63 12.13 26.17
N THR G 72 -31.60 11.44 25.71
CA THR G 72 -30.30 11.48 26.37
C THR G 72 -29.74 12.91 26.43
N TYR G 73 -29.80 13.64 25.33
CA TYR G 73 -29.40 15.05 25.38
C TYR G 73 -30.27 15.86 26.34
N THR G 74 -31.57 15.59 26.35
CA THR G 74 -32.47 16.32 27.23
C THR G 74 -32.15 16.11 28.69
N GLU G 75 -31.85 14.88 29.09
CA GLU G 75 -31.47 14.61 30.47
C GLU G 75 -30.13 15.26 30.83
N HIS G 76 -29.16 15.26 29.93
CA HIS G 76 -27.89 15.91 30.24
C HIS G 76 -28.08 17.38 30.54
N ALA G 77 -28.94 18.06 29.79
CA ALA G 77 -29.23 19.46 30.04
C ALA G 77 -30.09 19.70 31.27
N LYS G 78 -30.53 18.65 31.95
CA LYS G 78 -31.45 18.73 33.09
C LYS G 78 -32.80 19.34 32.74
N ARG G 79 -33.13 19.44 31.46
CA ARG G 79 -34.45 19.88 31.04
C ARG G 79 -35.47 18.76 31.23
N LYS G 80 -36.74 19.14 31.32
CA LYS G 80 -37.86 18.22 31.18
C LYS G 80 -38.48 18.23 29.78
N THR G 81 -38.19 19.25 28.98
CA THR G 81 -38.80 19.43 27.66
C THR G 81 -37.82 19.03 26.57
N VAL G 82 -38.26 18.15 25.68
CA VAL G 82 -37.51 17.83 24.48
C VAL G 82 -37.68 18.96 23.46
N THR G 83 -36.57 19.38 22.86
CA THR G 83 -36.55 20.53 21.96
C THR G 83 -36.21 20.08 20.55
N ALA G 84 -36.48 20.96 19.59
CA ALA G 84 -36.09 20.72 18.21
C ALA G 84 -34.59 20.53 18.05
N MET G 85 -33.78 21.25 18.84
CA MET G 85 -32.35 21.07 18.76
C MET G 85 -31.91 19.67 19.18
N ASP G 86 -32.56 19.11 20.20
CA ASP G 86 -32.23 17.76 20.62
C ASP G 86 -32.46 16.75 19.50
N VAL G 87 -33.54 16.90 18.76
CA VAL G 87 -33.78 16.03 17.61
C VAL G 87 -32.72 16.23 16.54
N VAL G 88 -32.43 17.47 16.21
CA VAL G 88 -31.44 17.75 15.17
C VAL G 88 -30.07 17.18 15.53
N TYR G 89 -29.64 17.34 16.77
CA TYR G 89 -28.36 16.76 17.17
C TYR G 89 -28.38 15.23 17.09
N ALA G 90 -29.46 14.61 17.54
CA ALA G 90 -29.58 13.15 17.44
C ALA G 90 -29.47 12.68 16.00
N LEU G 91 -30.20 13.32 15.08
CA LEU G 91 -30.10 12.94 13.68
C LEU G 91 -28.68 13.11 13.14
N LYS G 92 -28.05 14.24 13.44
CA LYS G 92 -26.69 14.46 12.95
C LYS G 92 -25.73 13.40 13.46
N ARG G 93 -25.88 12.98 14.72
CA ARG G 93 -25.01 11.94 15.25
C ARG G 93 -25.16 10.63 14.51
N GLN G 94 -26.38 10.28 14.10
CA GLN G 94 -26.62 9.07 13.34
C GLN G 94 -26.19 9.18 11.88
N GLY G 95 -25.61 10.29 11.47
CA GLY G 95 -25.18 10.45 10.08
C GLY G 95 -26.29 10.70 9.10
N ARG G 96 -27.45 11.12 9.57
CA ARG G 96 -28.44 11.79 8.76
C ARG G 96 -28.32 13.28 9.06
N THR G 97 -28.98 14.11 8.26
CA THR G 97 -28.93 15.54 8.56
C THR G 97 -30.18 16.21 8.05
N LEU G 98 -30.66 17.20 8.79
CA LEU G 98 -31.93 17.87 8.50
C LEU G 98 -31.73 19.37 8.50
N TYR G 99 -31.71 19.99 7.32
CA TYR G 99 -31.74 21.44 7.23
C TYR G 99 -33.16 21.96 7.37
N GLY G 100 -33.28 23.15 7.93
CA GLY G 100 -34.54 23.87 7.98
C GLY G 100 -35.27 23.82 9.31
N PHE G 101 -34.72 23.15 10.30
CA PHE G 101 -35.13 23.32 11.69
C PHE G 101 -33.90 23.65 12.49
N GLY G 102 -34.08 24.49 13.51
CA GLY G 102 -32.94 24.84 14.33
C GLY G 102 -31.82 25.41 13.50
N GLY G 103 -30.59 25.00 13.83
CA GLY G 103 -29.42 25.38 13.06
C GLY G 103 -29.17 26.87 13.04
N ALA H 15 -0.48 6.52 48.34
CA ALA H 15 0.40 6.17 47.24
C ALA H 15 0.60 7.35 46.31
N LYS H 16 1.73 7.37 45.59
CA LYS H 16 2.03 8.49 44.72
C LYS H 16 1.15 8.50 43.49
N THR H 17 1.14 7.40 42.74
CA THR H 17 0.52 7.41 41.41
C THR H 17 -1.00 7.45 41.50
N ARG H 18 -1.61 8.35 40.72
CA ARG H 18 -3.07 8.51 40.78
C ARG H 18 -3.79 7.26 40.31
N SER H 19 -3.21 6.51 39.37
CA SER H 19 -3.78 5.23 38.97
C SER H 19 -3.97 4.30 40.15
N SER H 20 -3.00 4.24 41.05
CA SER H 20 -3.12 3.32 42.17
C SER H 20 -4.10 3.79 43.23
N ARG H 21 -4.31 5.11 43.37
CA ARG H 21 -5.43 5.58 44.18
C ARG H 21 -6.75 5.15 43.59
N ALA H 22 -6.89 5.21 42.26
CA ALA H 22 -8.11 4.74 41.62
C ALA H 22 -8.21 3.23 41.56
N GLY H 23 -7.11 2.51 41.78
CA GLY H 23 -7.13 1.07 41.63
C GLY H 23 -7.11 0.58 40.20
N LEU H 24 -6.72 1.42 39.25
CA LEU H 24 -6.68 1.09 37.83
C LEU H 24 -5.30 0.60 37.42
N GLN H 25 -5.25 -0.07 36.28
CA GLN H 25 -3.98 -0.38 35.63
C GLN H 25 -3.55 0.67 34.61
N PHE H 26 -4.50 1.23 33.86
CA PHE H 26 -4.20 2.23 32.85
C PHE H 26 -3.69 3.55 33.45
N PRO H 27 -2.93 4.34 32.66
CA PRO H 27 -2.21 5.49 33.21
C PRO H 27 -3.03 6.77 33.27
N VAL H 28 -3.52 7.12 34.46
CA VAL H 28 -4.37 8.31 34.61
C VAL H 28 -3.63 9.59 34.24
N GLY H 29 -2.36 9.70 34.62
CA GLY H 29 -1.61 10.91 34.30
C GLY H 29 -1.44 11.15 32.82
N ARG H 30 -1.09 10.11 32.07
CA ARG H 30 -0.96 10.23 30.62
C ARG H 30 -2.28 10.64 29.97
N VAL H 31 -3.38 10.06 30.42
CA VAL H 31 -4.70 10.44 29.90
C VAL H 31 -4.99 11.91 30.17
N HIS H 32 -4.71 12.38 31.37
CA HIS H 32 -4.98 13.77 31.70
C HIS H 32 -4.19 14.72 30.80
N ARG H 33 -2.92 14.42 30.54
CA ARG H 33 -2.11 15.22 29.64
C ARG H 33 -2.72 15.30 28.25
N LEU H 34 -3.13 14.17 27.69
CA LEU H 34 -3.69 14.15 26.34
C LEU H 34 -4.96 14.98 26.23
N LEU H 35 -5.82 14.94 27.23
CA LEU H 35 -7.01 15.78 27.21
C LEU H 35 -6.66 17.26 27.19
N ARG H 36 -5.68 17.68 27.98
CA ARG H 36 -5.27 19.08 27.97
C ARG H 36 -4.71 19.52 26.61
N LYS H 37 -3.84 18.71 26.03
CA LYS H 37 -3.23 19.08 24.76
C LYS H 37 -4.18 19.00 23.57
N GLY H 38 -5.24 18.21 23.66
CA GLY H 38 -6.04 17.91 22.49
C GLY H 38 -7.02 18.95 22.01
N ASN H 39 -7.11 20.10 22.67
CA ASN H 39 -8.07 21.16 22.34
C ASN H 39 -9.52 20.73 22.50
N TYR H 40 -9.80 19.74 23.33
CA TYR H 40 -11.20 19.31 23.49
C TYR H 40 -12.02 20.35 24.22
N ALA H 41 -11.41 21.12 25.12
CA ALA H 41 -12.12 22.17 25.82
C ALA H 41 -11.13 23.11 26.49
N GLU H 42 -11.66 24.20 27.04
CA GLU H 42 -10.83 25.18 27.72
C GLU H 42 -10.31 24.70 29.07
N ARG H 43 -11.08 23.89 29.80
CA ARG H 43 -10.71 23.44 31.14
C ARG H 43 -11.08 21.96 31.27
N VAL H 44 -10.28 21.21 32.03
CA VAL H 44 -10.53 19.79 32.27
C VAL H 44 -10.65 19.52 33.77
N GLY H 45 -11.80 19.02 34.18
CA GLY H 45 -12.01 18.72 35.59
C GLY H 45 -11.27 17.48 36.05
N ALA H 46 -10.90 17.47 37.33
CA ALA H 46 -10.01 16.46 37.87
C ALA H 46 -10.59 15.04 37.84
N GLY H 47 -11.92 14.90 37.81
CA GLY H 47 -12.51 13.58 37.76
C GLY H 47 -12.53 12.93 36.39
N ALA H 48 -12.46 13.71 35.33
CA ALA H 48 -12.61 13.16 33.98
C ALA H 48 -11.54 12.15 33.60
N PRO H 49 -10.25 12.36 33.88
CA PRO H 49 -9.27 11.32 33.52
C PRO H 49 -9.51 9.99 34.17
N VAL H 50 -9.92 9.98 35.44
CA VAL H 50 -10.16 8.71 36.14
C VAL H 50 -11.29 7.94 35.49
N TYR H 51 -12.39 8.63 35.19
CA TYR H 51 -13.52 7.95 34.56
C TYR H 51 -13.16 7.41 33.18
N LEU H 52 -12.46 8.19 32.37
CA LEU H 52 -12.10 7.74 31.04
C LEU H 52 -11.12 6.57 31.06
N ALA H 53 -10.14 6.61 31.95
CA ALA H 53 -9.19 5.49 32.05
C ALA H 53 -9.87 4.19 32.43
N ALA H 54 -10.83 4.25 33.34
CA ALA H 54 -11.57 3.04 33.72
C ALA H 54 -12.32 2.44 32.55
N VAL H 55 -12.93 3.26 31.71
CA VAL H 55 -13.67 2.73 30.57
C VAL H 55 -12.75 2.08 29.54
N LEU H 56 -11.63 2.71 29.24
CA LEU H 56 -10.69 2.11 28.30
C LEU H 56 -10.15 0.78 28.80
N GLU H 57 -9.86 0.70 30.09
CA GLU H 57 -9.41 -0.56 30.67
C GLU H 57 -10.48 -1.64 30.57
N TYR H 58 -11.73 -1.29 30.85
CA TYR H 58 -12.81 -2.26 30.73
C TYR H 58 -12.92 -2.84 29.32
N LEU H 59 -12.99 -1.99 28.30
CA LEU H 59 -13.13 -2.49 26.94
C LEU H 59 -11.93 -3.32 26.50
N THR H 60 -10.73 -2.95 26.94
CA THR H 60 -9.55 -3.77 26.64
C THR H 60 -9.69 -5.17 27.20
N ALA H 61 -10.07 -5.28 28.47
CA ALA H 61 -10.24 -6.59 29.09
C ALA H 61 -11.33 -7.39 28.41
N GLU H 62 -12.41 -6.73 27.98
CA GLU H 62 -13.51 -7.42 27.33
C GLU H 62 -13.07 -8.13 26.05
N ILE H 63 -12.29 -7.46 25.19
CA ILE H 63 -11.85 -8.10 23.96
C ILE H 63 -10.87 -9.23 24.24
N LEU H 64 -9.87 -8.97 25.09
CA LEU H 64 -8.79 -9.94 25.26
C LEU H 64 -9.28 -11.26 25.81
N GLU H 65 -10.31 -11.25 26.65
CA GLU H 65 -10.87 -12.50 27.12
C GLU H 65 -11.41 -13.35 25.98
N LEU H 66 -12.16 -12.74 25.07
CA LEU H 66 -12.70 -13.50 23.94
C LEU H 66 -11.60 -13.99 23.00
N ALA H 67 -10.62 -13.15 22.71
CA ALA H 67 -9.48 -13.58 21.91
C ALA H 67 -8.72 -14.71 22.57
N GLY H 68 -8.54 -14.64 23.88
CA GLY H 68 -7.87 -15.72 24.58
C GLY H 68 -8.57 -17.06 24.45
N ASN H 69 -9.89 -17.06 24.55
CA ASN H 69 -10.65 -18.29 24.32
C ASN H 69 -10.44 -18.83 22.92
N ALA H 70 -10.51 -17.96 21.90
CA ALA H 70 -10.30 -18.40 20.53
C ALA H 70 -8.93 -19.02 20.32
N ALA H 71 -7.88 -18.40 20.85
CA ALA H 71 -6.54 -18.96 20.71
C ALA H 71 -6.42 -20.32 21.39
N ARG H 72 -6.98 -20.44 22.59
CA ARG H 72 -6.97 -21.71 23.31
C ARG H 72 -7.76 -22.77 22.56
N ASP H 73 -8.93 -22.42 22.04
CA ASP H 73 -9.70 -23.37 21.23
C ASP H 73 -8.92 -23.78 19.98
N ASN H 74 -8.19 -22.85 19.39
CA ASN H 74 -7.34 -23.15 18.24
C ASN H 74 -6.02 -23.81 18.64
N LYS H 75 -5.86 -24.15 19.92
CA LYS H 75 -4.69 -24.86 20.44
C LYS H 75 -3.36 -24.11 20.25
N LYS H 76 -3.38 -22.80 20.42
CA LYS H 76 -2.17 -21.99 20.36
C LYS H 76 -2.12 -21.06 21.56
N THR H 77 -0.91 -20.77 22.05
CA THR H 77 -0.74 -19.99 23.26
C THR H 77 -0.58 -18.48 23.02
N ARG H 78 -0.27 -18.04 21.81
CA ARG H 78 -0.14 -16.62 21.51
C ARG H 78 -1.34 -16.14 20.70
N ILE H 79 -1.90 -15.00 21.10
CA ILE H 79 -2.94 -14.34 20.32
C ILE H 79 -2.35 -13.74 19.06
N ILE H 80 -3.02 -13.94 17.93
CA ILE H 80 -2.61 -13.41 16.64
C ILE H 80 -3.82 -12.75 15.98
N PRO H 81 -3.60 -11.89 14.99
CA PRO H 81 -4.71 -11.08 14.45
C PRO H 81 -5.93 -11.88 14.03
N ARG H 82 -5.75 -13.08 13.51
CA ARG H 82 -6.89 -13.94 13.19
C ARG H 82 -7.82 -14.13 14.38
N HIS H 83 -7.27 -14.35 15.57
CA HIS H 83 -8.09 -14.53 16.75
C HIS H 83 -8.85 -13.26 17.14
N LEU H 84 -8.27 -12.09 16.92
CA LEU H 84 -9.02 -10.86 17.16
C LEU H 84 -10.22 -10.73 16.23
N GLN H 85 -10.03 -11.04 14.95
CA GLN H 85 -11.13 -11.01 14.00
C GLN H 85 -12.24 -11.99 14.40
N LEU H 86 -11.88 -13.22 14.74
CA LEU H 86 -12.88 -14.18 15.18
C LEU H 86 -13.60 -13.71 16.44
N ALA H 87 -12.87 -13.14 17.39
CA ALA H 87 -13.49 -12.65 18.61
C ALA H 87 -14.49 -11.54 18.35
N VAL H 88 -14.11 -10.55 17.53
CA VAL H 88 -14.99 -9.43 17.26
C VAL H 88 -16.23 -9.87 16.50
N ARG H 89 -16.05 -10.57 15.38
CA ARG H 89 -17.17 -10.82 14.49
C ARG H 89 -18.18 -11.83 15.03
N ASN H 90 -17.84 -12.58 16.06
CA ASN H 90 -18.81 -13.47 16.68
C ASN H 90 -19.63 -12.83 17.81
N ASP H 91 -19.30 -11.63 18.27
CA ASP H 91 -20.06 -10.96 19.32
C ASP H 91 -20.89 -9.82 18.74
N GLU H 92 -22.18 -9.81 19.05
CA GLU H 92 -23.11 -8.86 18.44
C GLU H 92 -22.79 -7.41 18.80
N GLU H 93 -22.31 -7.15 20.02
CA GLU H 93 -22.09 -5.77 20.40
C GLU H 93 -20.75 -5.25 19.90
N LEU H 94 -19.70 -6.03 20.04
CA LEU H 94 -18.42 -5.64 19.50
C LEU H 94 -18.47 -5.49 17.99
N ASN H 95 -19.17 -6.39 17.30
CA ASN H 95 -19.33 -6.24 15.87
C ASN H 95 -20.10 -4.99 15.49
N LYS H 96 -20.95 -4.49 16.37
CA LYS H 96 -21.62 -3.23 16.10
C LYS H 96 -20.70 -2.03 16.37
N LEU H 97 -19.92 -2.08 17.44
CA LEU H 97 -18.97 -1.02 17.74
C LEU H 97 -17.89 -0.89 16.68
N LEU H 98 -17.42 -2.00 16.15
CA LEU H 98 -16.41 -2.04 15.09
C LEU H 98 -17.00 -2.37 13.73
N GLY H 99 -18.20 -1.87 13.43
CA GLY H 99 -18.89 -2.24 12.22
C GLY H 99 -18.23 -1.75 10.94
N ARG H 100 -17.44 -0.68 11.00
CA ARG H 100 -16.80 -0.11 9.82
C ARG H 100 -15.28 -0.12 9.90
N VAL H 101 -14.71 -0.97 10.73
CA VAL H 101 -13.26 -1.13 10.87
C VAL H 101 -12.83 -2.38 10.14
N THR H 102 -11.75 -2.29 9.38
CA THR H 102 -11.08 -3.45 8.81
C THR H 102 -9.78 -3.75 9.53
N ILE H 103 -9.54 -5.02 9.81
CA ILE H 103 -8.37 -5.48 10.57
C ILE H 103 -7.42 -6.18 9.63
N ALA H 104 -6.18 -5.72 9.58
CA ALA H 104 -5.16 -6.32 8.75
C ALA H 104 -4.92 -7.79 9.11
N GLN H 105 -4.71 -8.62 8.09
CA GLN H 105 -4.51 -10.06 8.27
C GLN H 105 -5.64 -10.74 9.05
N GLY H 106 -6.86 -10.28 8.87
CA GLY H 106 -7.97 -10.82 9.62
C GLY H 106 -8.69 -12.02 9.03
N GLY H 107 -8.82 -12.08 7.71
CA GLY H 107 -9.69 -13.03 7.03
C GLY H 107 -11.17 -12.80 7.31
N VAL H 108 -11.97 -13.85 7.07
CA VAL H 108 -13.42 -13.80 7.20
C VAL H 108 -13.92 -15.00 7.99
N LEU H 109 -15.19 -14.93 8.40
CA LEU H 109 -15.87 -16.08 8.98
C LEU H 109 -16.26 -17.09 7.90
N PRO H 110 -16.11 -18.39 8.16
CA PRO H 110 -16.64 -19.41 7.24
C PRO H 110 -18.15 -19.32 7.08
N ASN H 111 -18.61 -19.27 5.83
CA ASN H 111 -20.04 -19.11 5.57
C ASN H 111 -20.38 -19.48 4.14
N ILE H 112 -21.38 -20.35 3.96
CA ILE H 112 -21.88 -20.75 2.64
C ILE H 112 -23.41 -20.76 2.67
N GLN H 113 -24.04 -20.14 1.68
CA GLN H 113 -25.49 -20.19 1.56
C GLN H 113 -25.98 -21.61 1.24
N SER H 114 -27.07 -21.99 1.91
CA SER H 114 -27.61 -23.35 1.79
C SER H 114 -28.05 -23.70 0.37
N VAL H 115 -28.47 -22.72 -0.43
CA VAL H 115 -28.87 -23.00 -1.80
C VAL H 115 -27.72 -23.59 -2.61
N LEU H 116 -26.50 -23.25 -2.28
CA LEU H 116 -25.34 -23.69 -3.04
C LEU H 116 -24.89 -25.10 -2.72
N LEU H 117 -25.31 -25.66 -1.58
CA LEU H 117 -24.87 -26.98 -1.17
C LEU H 117 -25.48 -28.07 -2.06
N PRO H 118 -24.74 -29.15 -2.29
CA PRO H 118 -25.20 -30.19 -3.23
C PRO H 118 -26.30 -31.05 -2.63
N LYS H 119 -27.00 -31.75 -3.53
CA LYS H 119 -27.99 -32.74 -3.13
C LYS H 119 -27.95 -33.97 -4.04
N LYS I 29 16.78 6.25 18.50
CA LYS I 29 17.04 6.96 19.74
C LYS I 29 15.91 7.94 20.07
N THR I 30 15.15 8.32 19.05
CA THR I 30 14.06 9.28 19.20
C THR I 30 12.84 8.63 19.87
N ARG I 31 12.45 9.15 21.03
CA ARG I 31 11.54 8.45 21.94
C ARG I 31 10.09 8.51 21.45
N LYS I 32 9.43 7.35 21.42
CA LYS I 32 8.00 7.23 21.24
C LYS I 32 7.31 6.92 22.56
N GLU I 33 5.98 6.78 22.53
CA GLU I 33 5.27 6.12 23.62
C GLU I 33 3.97 5.50 23.12
N SER I 34 3.50 4.48 23.86
CA SER I 34 2.37 3.66 23.44
C SER I 34 1.73 3.02 24.67
N TYR I 35 0.58 2.41 24.46
CA TYR I 35 -0.18 1.71 25.50
C TYR I 35 0.30 0.30 25.79
N ALA I 36 1.33 -0.19 25.11
CA ALA I 36 1.61 -1.62 25.06
C ALA I 36 1.73 -2.27 26.44
N ILE I 37 2.49 -1.67 27.36
CA ILE I 37 2.67 -2.30 28.65
C ILE I 37 1.39 -2.39 29.47
N TYR I 38 0.48 -1.43 29.31
CA TYR I 38 -0.77 -1.49 30.06
C TYR I 38 -1.68 -2.59 29.52
N VAL I 39 -1.75 -2.72 28.19
CA VAL I 39 -2.46 -3.84 27.59
C VAL I 39 -1.90 -5.16 28.10
N TYR I 40 -0.58 -5.28 28.14
CA TYR I 40 0.04 -6.53 28.59
C TYR I 40 -0.33 -6.88 30.03
N LYS I 41 -0.33 -5.90 30.92
CA LYS I 41 -0.72 -6.17 32.31
C LYS I 41 -2.19 -6.54 32.46
N VAL I 42 -3.08 -5.98 31.63
CA VAL I 42 -4.46 -6.43 31.65
C VAL I 42 -4.59 -7.87 31.17
N LEU I 43 -3.84 -8.24 30.13
CA LEU I 43 -3.88 -9.61 29.63
C LEU I 43 -3.60 -10.62 30.73
N LYS I 44 -2.54 -10.41 31.50
CA LYS I 44 -2.18 -11.33 32.56
C LYS I 44 -3.24 -11.45 33.66
N GLN I 45 -4.21 -10.54 33.73
CA GLN I 45 -5.32 -10.77 34.63
C GLN I 45 -6.38 -11.70 34.06
N VAL I 46 -6.85 -11.42 32.83
CA VAL I 46 -7.96 -12.20 32.29
C VAL I 46 -7.52 -13.60 31.86
N HIS I 47 -6.29 -13.76 31.41
CA HIS I 47 -5.72 -15.07 31.11
C HIS I 47 -4.24 -15.03 31.48
N PRO I 48 -3.87 -15.58 32.62
CA PRO I 48 -2.46 -15.90 32.84
C PRO I 48 -2.02 -17.00 31.89
N ASP I 49 -0.71 -17.16 31.78
CA ASP I 49 -0.12 -18.22 30.96
C ASP I 49 -0.53 -18.13 29.48
N THR I 50 -0.55 -16.92 28.93
CA THR I 50 -0.70 -16.73 27.49
C THR I 50 0.03 -15.46 27.06
N GLY I 51 0.40 -15.40 25.79
CA GLY I 51 1.16 -14.29 25.25
C GLY I 51 0.46 -13.68 24.04
N ILE I 52 1.09 -12.65 23.48
CA ILE I 52 0.52 -11.95 22.33
C ILE I 52 1.59 -11.55 21.34
N SER I 53 1.35 -11.82 20.06
CA SER I 53 2.25 -11.44 18.98
C SER I 53 2.30 -9.93 18.78
N SER I 54 3.43 -9.45 18.28
CA SER I 54 3.63 -8.01 18.10
C SER I 54 2.64 -7.41 17.10
N LYS I 55 2.28 -8.15 16.06
CA LYS I 55 1.24 -7.68 15.14
C LYS I 55 -0.08 -7.46 15.86
N ALA I 56 -0.50 -8.41 16.69
CA ALA I 56 -1.72 -8.25 17.45
C ALA I 56 -1.63 -7.10 18.44
N MET I 57 -0.46 -6.91 19.06
CA MET I 57 -0.28 -5.78 19.95
C MET I 57 -0.47 -4.45 19.24
N SER I 58 0.03 -4.33 18.00
CA SER I 58 -0.20 -3.12 17.23
C SER I 58 -1.68 -2.84 16.98
N ILE I 59 -2.46 -3.87 16.68
CA ILE I 59 -3.90 -3.67 16.51
C ILE I 59 -4.54 -3.20 17.80
N MET I 60 -4.19 -3.81 18.92
CA MET I 60 -4.75 -3.37 20.20
C MET I 60 -4.41 -1.92 20.49
N ASN I 61 -3.17 -1.53 20.26
CA ASN I 61 -2.78 -0.14 20.49
C ASN I 61 -3.58 0.81 19.60
N SER I 62 -3.78 0.45 18.34
CA SER I 62 -4.58 1.27 17.44
C SER I 62 -6.03 1.39 17.89
N PHE I 63 -6.62 0.29 18.36
CA PHE I 63 -7.98 0.31 18.86
C PHE I 63 -8.18 1.26 20.03
N VAL I 64 -7.25 1.27 20.99
CA VAL I 64 -7.38 2.17 22.13
C VAL I 64 -7.40 3.63 21.71
N ASN I 65 -6.53 4.02 20.78
CA ASN I 65 -6.53 5.40 20.30
C ASN I 65 -7.82 5.77 19.59
N ASP I 66 -8.39 4.86 18.80
CA ASP I 66 -9.66 5.13 18.16
C ASP I 66 -10.75 5.45 19.17
N VAL I 67 -10.97 4.55 20.12
CA VAL I 67 -12.03 4.73 21.10
C VAL I 67 -11.85 5.99 21.93
N PHE I 68 -10.61 6.32 22.30
CA PHE I 68 -10.34 7.54 23.01
C PHE I 68 -10.87 8.77 22.27
N GLU I 69 -10.59 8.87 20.98
CA GLU I 69 -11.01 10.04 20.22
C GLU I 69 -12.53 10.10 20.02
N ARG I 70 -13.19 8.97 19.85
CA ARG I 70 -14.65 9.00 19.75
C ARG I 70 -15.28 9.57 21.00
N ILE I 71 -14.84 9.13 22.17
CA ILE I 71 -15.44 9.60 23.42
C ILE I 71 -15.10 11.08 23.65
N ALA I 72 -13.83 11.44 23.53
CA ALA I 72 -13.45 12.83 23.80
C ALA I 72 -14.10 13.79 22.82
N GLY I 73 -14.26 13.37 21.57
CA GLY I 73 -14.93 14.23 20.60
C GLY I 73 -16.36 14.56 20.96
N GLU I 74 -17.13 13.54 21.32
CA GLU I 74 -18.53 13.79 21.70
C GLU I 74 -18.62 14.59 22.99
N ALA I 75 -17.74 14.32 23.96
CA ALA I 75 -17.74 15.11 25.17
C ALA I 75 -17.48 16.58 24.90
N SER I 76 -16.65 16.89 23.91
CA SER I 76 -16.41 18.28 23.54
C SER I 76 -17.68 18.95 23.02
N ARG I 77 -18.39 18.31 22.10
CA ARG I 77 -19.65 18.87 21.61
C ARG I 77 -20.66 19.06 22.72
N LEU I 78 -20.81 18.07 23.60
CA LEU I 78 -21.74 18.20 24.71
C LEU I 78 -21.48 19.44 25.55
N ALA I 79 -20.22 19.70 25.86
CA ALA I 79 -19.89 20.91 26.61
C ALA I 79 -20.25 22.15 25.82
N HIS I 80 -19.97 22.15 24.52
CA HIS I 80 -20.24 23.30 23.68
C HIS I 80 -21.73 23.60 23.54
N TYR I 81 -22.55 22.58 23.32
CA TYR I 81 -23.99 22.81 23.22
C TYR I 81 -24.58 23.42 24.47
N ASN I 82 -24.00 23.13 25.63
CA ASN I 82 -24.49 23.65 26.90
C ASN I 82 -23.70 24.85 27.41
N LYS I 83 -22.84 25.41 26.57
CA LYS I 83 -22.07 26.62 26.88
C LYS I 83 -21.14 26.49 28.09
N ARG I 84 -20.75 25.27 28.44
CA ARG I 84 -19.78 25.07 29.51
C ARG I 84 -18.36 25.27 29.01
N SER I 85 -17.52 25.83 29.88
CA SER I 85 -16.08 25.84 29.63
C SER I 85 -15.39 24.52 29.93
N THR I 86 -15.88 23.75 30.90
CA THR I 86 -15.14 22.65 31.52
C THR I 86 -15.67 21.29 31.10
N ILE I 87 -14.76 20.39 30.70
CA ILE I 87 -15.07 18.97 30.61
C ILE I 87 -15.10 18.38 32.02
N THR I 88 -16.13 17.59 32.32
CA THR I 88 -16.24 16.91 33.60
C THR I 88 -16.61 15.46 33.37
N SER I 89 -16.52 14.67 34.44
CA SER I 89 -16.94 13.27 34.38
C SER I 89 -18.37 13.10 33.92
N ARG I 90 -19.23 14.09 34.18
CA ARG I 90 -20.61 14.01 33.70
C ARG I 90 -20.69 14.09 32.17
N GLU I 91 -19.81 14.86 31.54
CA GLU I 91 -19.72 14.78 30.08
C GLU I 91 -19.22 13.43 29.60
N ILE I 92 -18.21 12.87 30.27
CA ILE I 92 -17.70 11.56 29.85
C ILE I 92 -18.79 10.50 29.94
N GLN I 93 -19.55 10.50 31.03
CA GLN I 93 -20.62 9.53 31.19
C GLN I 93 -21.64 9.59 30.07
N THR I 94 -22.13 10.79 29.75
CA THR I 94 -23.11 10.91 28.68
C THR I 94 -22.53 10.52 27.32
N ALA I 95 -21.26 10.82 27.07
CA ALA I 95 -20.64 10.37 25.83
C ALA I 95 -20.64 8.85 25.73
N VAL I 96 -20.33 8.16 26.82
CA VAL I 96 -20.38 6.70 26.83
C VAL I 96 -21.79 6.19 26.57
N ARG I 97 -22.79 6.81 27.20
CA ARG I 97 -24.17 6.42 26.95
C ARG I 97 -24.54 6.50 25.48
N LEU I 98 -24.06 7.52 24.77
CA LEU I 98 -24.37 7.67 23.36
C LEU I 98 -23.62 6.67 22.48
N LEU I 99 -22.35 6.42 22.76
CA LEU I 99 -21.51 5.69 21.82
C LEU I 99 -21.64 4.17 21.93
N LEU I 100 -21.74 3.65 23.09
CA LEU I 100 -21.67 2.20 23.21
C LEU I 100 -23.02 1.51 23.01
N PRO I 101 -22.98 0.30 22.46
CA PRO I 101 -24.18 -0.56 22.41
C PRO I 101 -24.79 -0.87 23.76
N GLY I 102 -26.04 -1.32 23.68
CA GLY I 102 -27.00 -1.17 24.78
C GLY I 102 -26.62 -1.80 26.10
N GLU I 103 -25.96 -2.96 26.09
CA GLU I 103 -25.53 -3.50 27.38
C GLU I 103 -24.07 -3.23 27.69
N LEU I 104 -23.23 -3.24 26.67
CA LEU I 104 -21.82 -2.90 26.85
C LEU I 104 -21.67 -1.55 27.53
N ALA I 105 -22.57 -0.62 27.24
CA ALA I 105 -22.63 0.66 27.96
C ALA I 105 -22.89 0.51 29.45
N LYS I 106 -23.80 -0.38 29.85
CA LYS I 106 -24.18 -0.45 31.25
C LYS I 106 -23.02 -0.88 32.14
N HIS I 107 -22.25 -1.87 31.71
CA HIS I 107 -21.08 -2.28 32.48
C HIS I 107 -20.02 -1.19 32.51
N ALA I 108 -19.76 -0.55 31.37
CA ALA I 108 -18.78 0.53 31.31
C ALA I 108 -19.11 1.66 32.28
N VAL I 109 -20.37 2.08 32.32
CA VAL I 109 -20.77 3.14 33.24
C VAL I 109 -20.57 2.70 34.69
N SER I 110 -20.82 1.44 34.99
CA SER I 110 -20.54 0.94 36.34
C SER I 110 -19.06 1.02 36.69
N GLU I 111 -18.20 0.54 35.80
CA GLU I 111 -16.76 0.60 36.04
C GLU I 111 -16.28 2.04 36.24
N GLY I 112 -16.71 2.96 35.40
CA GLY I 112 -16.33 4.35 35.58
C GLY I 112 -16.76 4.93 36.92
N THR I 113 -18.01 4.68 37.30
CA THR I 113 -18.51 5.19 38.58
C THR I 113 -17.73 4.61 39.75
N LYS I 114 -17.48 3.31 39.72
CA LYS I 114 -16.73 2.66 40.78
C LYS I 114 -15.33 3.24 40.96
N ALA I 115 -14.63 3.48 39.87
CA ALA I 115 -13.28 4.03 39.95
C ALA I 115 -13.25 5.41 40.59
N VAL I 116 -14.13 6.31 40.17
CA VAL I 116 -14.13 7.66 40.71
C VAL I 116 -14.47 7.68 42.19
N THR I 117 -15.50 6.95 42.59
CA THR I 117 -15.89 6.97 44.00
C THR I 117 -14.81 6.37 44.90
N LYS I 118 -14.04 5.41 44.39
CA LYS I 118 -12.86 4.96 45.12
C LYS I 118 -11.79 6.04 45.19
N TYR I 119 -11.42 6.60 44.04
CA TYR I 119 -10.37 7.59 43.97
C TYR I 119 -10.60 8.76 44.91
N THR I 120 -11.80 9.32 44.91
CA THR I 120 -12.07 10.50 45.72
C THR I 120 -11.96 10.23 47.21
N SER I 121 -12.03 8.97 47.63
CA SER I 121 -11.87 8.64 49.04
C SER I 121 -10.42 8.67 49.51
N ALA I 122 -9.46 8.64 48.60
CA ALA I 122 -8.06 8.60 48.98
C ALA I 122 -7.61 9.90 49.62
#